data_8E9Z
#
_entry.id   8E9Z
#
_cell.length_a   1.00
_cell.length_b   1.00
_cell.length_c   1.00
_cell.angle_alpha   90.00
_cell.angle_beta   90.00
_cell.angle_gamma   90.00
#
_symmetry.space_group_name_H-M   'P 1'
#
loop_
_entity.id
_entity.type
_entity.pdbx_description
1 polymer 'Muscarinic acetylcholine receptor M3'
2 polymer miniGq
3 polymer 'Guanine nucleotide-binding protein G(I)/G(S)/G(T) subunit beta-1'
4 polymer 'Guanine nucleotide-binding protein G(I)/G(S)/G(O) subunit gamma-2'
5 polymer scFv16
6 non-polymer 4-(4,5-dihydro-1,2-oxazol-3-yloxy)-N,N,N-trimethylbut-2-yn-1-aminium
7 non-polymer 'CHOLESTEROL HEMISUCCINATE'
#
loop_
_entity_poly.entity_id
_entity_poly.type
_entity_poly.pdbx_seq_one_letter_code
_entity_poly.pdbx_strand_id
1 'polypeptide(L)'
;AGNFSSPDGTTDDPLGGHTVWQVVFIAFLTGILALVTIIGNILVIVSFKVNKQLKTVNNYFLLSLACADLIIGVISMNLF
TTYIIMNRWALGNLACDLWLAIDYVASNASVMNLLVISFDRYFSITRPLTYRAKRTTKRAGVMIGLAWVISFVLWAPAIL
FWQYFVGKRTVPPGECFIQFLSEPTITFGTAIAAFYMPVTIMTILYWRIYKETEKRTKELAGLQASGTEAETENFVHPAK
RFALKTRSQITKRKRMSLVKEKKAAQTLSAILLAFIITWTPYNIMVLVNTFCDSCIPKTFWNLGYWLCYINSTVNPVCYA
LCNKTFRTTFKMLLLCQCDKKKRRKQQYQQRQSVIFHKRAPEQALGGSGGGGSGGSSSGGGGSGGGGSGGSSSGGVFTLE
DFVGDWEQTAAYNLDQVLEQGGVSSLLQNLAVSVTPIQRIVRSGENALKIDIHVIIPYEGLSADQMAQIEEVFKVVYPVD
DHHFKVILPYGTLVIDGVTPNMLNYFGRPYEGIAVFDGKKITVTGTLWNGNKIIDERLITPDGSMLFRVTINSGGSGGHH
HHHHHHHH
;
A
2 'polypeptide(L)'
;MGSTVSAEDKAAAERSKMIDKNLREDGEKARRTLRLLLLGADNSGKSTIVKQMRILHGGSGGSGGTSGIFETKFQVDKVN
FHMFDVGGQRDERRKWIQCFNDVTAIIFVVDSSDYNRLQEALNDFKSIWNNRWLRTISVILFLNKQDLLAEKVLAGKSKI
EDYFPEFARYTTPEDATPEPGEDPRVTRAKYFIRKEFVDISTASGDGRHICYPHFTCAVDTENARRIFNDCKDIILQMNL
REYNLV
;
B
3 'polypeptide(L)'
;SELDQLRQEAEQLKNQIRDARKACADATLSQITNNIDPVGRIQMRTRRTLRGHLAKIYAMHWGTDSRLLVSASQDGKLII
WDSYTTNKVHAIPLRSSWVMTCAYAPSGNYVACGGLDNICSIYNLKTREGNVRVSRELAGHTGYLSCCRFLDDNQIVTSS
GDTTCALWDIETGQQTTTFTGHTGDVMSLSLAPDTRLFVSGACDASAKLWDVREGMCRQTFTGHESDINAICFFPNGNAF
ATGSDDATCRLFDLRADQELMTYSHDNIICGITSVSFSKSGRLLLAGYDDFNCNVWDALKADRAGVLAGHDNRVSCLGVT
DDGMAVATGSWDSFLKIWNGGSGGGGSGGSSSGGVSGWRLFKKISGGS
;
C
4 'polypeptide(L)' MASNNTASIAQARKLVEQLKMEANIDRIKVSKAAADLMAYCEAHAKEDPLLTPVPASENPFREKKFFCAIL D
5 'polypeptide(L)'
;DVQLVESGGGLVQPGGSRKLSCSASGFAFSSFGMHWVRQAPEKGLEWVAYISSGSGTIYYADTVKGRFTISRDDPKNTLF
LQMTSLRSEDTAMYYCVRSIYYYGSSPFDFWGQGTTLTVSSGGGGSGGGGSGGGGSDIVMTQATSSVPVTPGESVSISCR
SSKSLLHSNGNTYLYWFLQRPGQSPQLLIYRMSNLASGVPDRFSGSGSGTAFTLTISRLEAEDVGVYYCMQHLEYPLTFG
AGTKLELKAAA
;
E
#
# COMPACT_ATOMS: atom_id res chain seq x y z
N VAL A 20 7.24 -58.98 21.95
CA VAL A 20 6.76 -57.60 21.92
C VAL A 20 7.72 -56.65 22.63
N TRP A 21 8.55 -57.17 23.53
CA TRP A 21 9.53 -56.33 24.21
C TRP A 21 10.67 -55.90 23.28
N GLN A 22 10.86 -56.61 22.16
CA GLN A 22 11.92 -56.28 21.21
C GLN A 22 11.42 -55.71 19.90
N VAL A 23 10.21 -56.09 19.46
CA VAL A 23 9.69 -55.60 18.18
C VAL A 23 8.91 -54.30 18.33
N VAL A 24 8.81 -53.75 19.55
CA VAL A 24 8.15 -52.47 19.73
C VAL A 24 9.05 -51.31 19.32
N PHE A 25 10.35 -51.58 19.09
CA PHE A 25 11.26 -50.54 18.63
C PHE A 25 10.90 -50.12 17.20
N ILE A 26 10.42 -51.05 16.39
CA ILE A 26 9.94 -50.70 15.05
C ILE A 26 8.69 -49.85 15.14
N ALA A 27 7.80 -50.17 16.10
CA ALA A 27 6.61 -49.35 16.31
C ALA A 27 6.96 -47.98 16.87
N PHE A 28 7.98 -47.92 17.74
CA PHE A 28 8.34 -46.65 18.34
C PHE A 28 9.07 -45.73 17.36
N LEU A 29 9.93 -46.32 16.52
CA LEU A 29 10.70 -45.53 15.57
C LEU A 29 9.81 -44.91 14.49
N THR A 30 8.78 -45.65 14.06
CA THR A 30 7.89 -45.13 13.02
C THR A 30 7.09 -43.95 13.51
N GLY A 31 6.55 -44.02 14.73
CA GLY A 31 5.76 -42.92 15.26
C GLY A 31 6.60 -41.71 15.61
N ILE A 32 7.87 -41.93 15.95
CA ILE A 32 8.76 -40.80 16.26
C ILE A 32 9.06 -40.01 14.99
N LEU A 33 9.42 -40.71 13.91
CA LEU A 33 9.70 -40.02 12.66
C LEU A 33 8.42 -39.51 11.99
N ALA A 34 7.27 -40.11 12.35
CA ALA A 34 6.00 -39.52 11.93
C ALA A 34 5.72 -38.23 12.67
N LEU A 35 6.06 -38.19 13.97
CA LEU A 35 5.80 -37.00 14.78
C LEU A 35 6.59 -35.80 14.29
N VAL A 36 7.78 -36.04 13.73
CA VAL A 36 8.54 -34.96 13.09
C VAL A 36 7.79 -34.43 11.87
N THR A 37 7.15 -35.33 11.12
CA THR A 37 6.51 -34.96 9.85
C THR A 37 5.33 -34.02 10.07
N ILE A 38 4.52 -34.26 11.09
CA ILE A 38 3.40 -33.36 11.37
C ILE A 38 3.91 -31.99 11.82
N ILE A 39 4.83 -31.97 12.78
CA ILE A 39 5.29 -30.68 13.31
C ILE A 39 6.21 -29.98 12.32
N GLY A 40 6.86 -30.73 11.43
CA GLY A 40 7.66 -30.10 10.40
C GLY A 40 6.82 -29.43 9.33
N ASN A 41 5.75 -30.09 8.92
CA ASN A 41 4.90 -29.55 7.86
C ASN A 41 4.01 -28.43 8.37
N ILE A 42 3.49 -28.57 9.60
CA ILE A 42 2.59 -27.56 10.17
C ILE A 42 3.33 -26.24 10.35
N LEU A 43 4.61 -26.29 10.71
CA LEU A 43 5.42 -25.08 10.86
C LEU A 43 5.60 -24.34 9.54
N VAL A 44 5.41 -25.02 8.40
CA VAL A 44 5.48 -24.34 7.11
C VAL A 44 4.23 -23.51 6.88
N ILE A 45 3.04 -24.05 7.19
CA ILE A 45 1.80 -23.32 6.95
C ILE A 45 1.69 -22.11 7.87
N VAL A 46 2.05 -22.28 9.14
CA VAL A 46 1.92 -21.17 10.08
C VAL A 46 3.01 -20.11 9.83
N SER A 47 4.13 -20.49 9.22
CA SER A 47 5.11 -19.49 8.81
C SER A 47 4.59 -18.68 7.62
N PHE A 48 3.77 -19.31 6.77
CA PHE A 48 3.14 -18.60 5.67
C PHE A 48 2.07 -17.62 6.14
N LYS A 49 1.54 -17.81 7.36
CA LYS A 49 0.47 -16.99 7.89
C LYS A 49 0.96 -15.86 8.79
N VAL A 50 1.81 -16.17 9.77
CA VAL A 50 2.22 -15.16 10.74
C VAL A 50 3.27 -14.22 10.16
N ASN A 51 3.88 -14.56 9.03
CA ASN A 51 4.88 -13.72 8.38
C ASN A 51 4.26 -13.18 7.09
N LYS A 52 4.03 -11.87 7.05
CA LYS A 52 3.40 -11.26 5.88
C LYS A 52 4.36 -11.20 4.70
N GLN A 53 5.68 -11.16 4.96
CA GLN A 53 6.65 -11.11 3.88
C GLN A 53 6.75 -12.43 3.13
N LEU A 54 6.37 -13.54 3.76
CA LEU A 54 6.42 -14.85 3.11
C LEU A 54 5.20 -15.13 2.24
N LYS A 55 4.19 -14.27 2.27
CA LYS A 55 2.97 -14.48 1.48
C LYS A 55 3.22 -14.00 0.04
N THR A 56 4.01 -14.79 -0.67
CA THR A 56 4.39 -14.50 -2.05
C THR A 56 3.94 -15.62 -2.96
N VAL A 57 4.01 -15.37 -4.27
CA VAL A 57 3.63 -16.36 -5.26
C VAL A 57 4.61 -17.52 -5.28
N ASN A 58 5.90 -17.24 -5.00
CA ASN A 58 6.92 -18.29 -4.98
C ASN A 58 6.66 -19.27 -3.85
N ASN A 59 6.11 -18.80 -2.74
CA ASN A 59 5.86 -19.65 -1.58
C ASN A 59 4.52 -20.39 -1.65
N TYR A 60 3.75 -20.20 -2.74
CA TYR A 60 2.52 -20.96 -2.91
C TYR A 60 2.78 -22.44 -3.07
N PHE A 61 3.83 -22.79 -3.83
CA PHE A 61 4.14 -24.20 -4.05
C PHE A 61 4.71 -24.86 -2.79
N LEU A 62 5.33 -24.07 -1.91
CA LEU A 62 5.80 -24.61 -0.65
C LEU A 62 4.64 -24.99 0.26
N LEU A 63 3.55 -24.22 0.20
CA LEU A 63 2.37 -24.52 1.02
C LEU A 63 1.63 -25.74 0.48
N SER A 64 1.51 -25.85 -0.84
CA SER A 64 0.81 -26.99 -1.42
C SER A 64 1.59 -28.29 -1.23
N LEU A 65 2.92 -28.21 -1.25
CA LEU A 65 3.74 -29.37 -0.91
C LEU A 65 3.55 -29.76 0.55
N ALA A 66 3.43 -28.76 1.44
CA ALA A 66 3.18 -29.05 2.84
C ALA A 66 1.78 -29.63 3.06
N CYS A 67 0.82 -29.18 2.25
CA CYS A 67 -0.54 -29.73 2.35
C CYS A 67 -0.57 -31.19 1.89
N ALA A 68 0.18 -31.51 0.83
CA ALA A 68 0.28 -32.89 0.39
C ALA A 68 1.00 -33.75 1.43
N ASP A 69 2.02 -33.20 2.06
CA ASP A 69 2.80 -33.94 3.04
C ASP A 69 2.14 -33.98 4.41
N LEU A 70 1.11 -33.15 4.64
CA LEU A 70 0.39 -33.22 5.91
C LEU A 70 -0.56 -34.40 5.94
N ILE A 71 -1.11 -34.78 4.78
CA ILE A 71 -2.00 -35.93 4.70
C ILE A 71 -1.22 -37.22 5.00
N ILE A 72 0.04 -37.28 4.57
CA ILE A 72 0.87 -38.45 4.81
C ILE A 72 1.14 -38.61 6.30
N GLY A 73 1.47 -37.50 6.98
CA GLY A 73 1.85 -37.58 8.38
C GLY A 73 0.72 -37.99 9.31
N VAL A 74 -0.51 -37.57 8.99
CA VAL A 74 -1.62 -37.81 9.90
C VAL A 74 -2.49 -39.00 9.50
N ILE A 75 -2.33 -39.53 8.28
CA ILE A 75 -3.19 -40.62 7.81
C ILE A 75 -2.35 -41.80 7.35
N SER A 76 -1.36 -41.54 6.50
CA SER A 76 -0.68 -42.63 5.79
C SER A 76 0.23 -43.43 6.72
N MET A 77 1.16 -42.76 7.41
CA MET A 77 2.14 -43.48 8.21
C MET A 77 1.51 -44.00 9.51
N ASN A 78 0.43 -43.36 9.96
CA ASN A 78 -0.27 -43.86 11.14
C ASN A 78 -1.06 -45.13 10.83
N LEU A 79 -1.65 -45.20 9.63
CA LEU A 79 -2.40 -46.40 9.26
C LEU A 79 -1.48 -47.51 8.75
N PHE A 80 -0.33 -47.15 8.16
CA PHE A 80 0.60 -48.17 7.71
C PHE A 80 1.33 -48.83 8.88
N THR A 81 1.57 -48.08 9.96
CA THR A 81 2.30 -48.66 11.08
C THR A 81 1.46 -49.66 11.85
N THR A 82 0.13 -49.64 11.70
CA THR A 82 -0.70 -50.69 12.24
C THR A 82 -0.65 -51.95 11.39
N TYR A 83 -0.46 -51.80 10.08
CA TYR A 83 -0.33 -52.92 9.16
C TYR A 83 0.92 -53.75 9.48
N ILE A 84 2.02 -53.10 9.81
CA ILE A 84 3.23 -53.94 9.96
C ILE A 84 3.37 -54.35 11.43
N ILE A 85 2.57 -53.77 12.33
CA ILE A 85 2.62 -54.26 13.74
C ILE A 85 1.70 -55.49 13.86
N MET A 86 0.40 -55.32 13.62
CA MET A 86 -0.57 -56.43 13.62
C MET A 86 -0.13 -57.57 12.69
N ASN A 87 0.29 -57.30 11.47
CA ASN A 87 0.64 -58.37 10.50
C ASN A 87 -0.60 -58.84 9.72
N ARG A 88 -1.69 -58.07 9.72
CA ARG A 88 -2.86 -58.43 8.86
C ARG A 88 -3.88 -57.29 8.88
N TRP A 89 -4.81 -57.26 7.92
CA TRP A 89 -5.66 -56.08 7.88
C TRP A 89 -6.77 -56.18 8.91
N ALA A 90 -6.95 -55.10 9.66
CA ALA A 90 -7.92 -55.03 10.75
C ALA A 90 -8.88 -53.88 10.52
N LEU A 91 -9.40 -53.79 9.29
CA LEU A 91 -10.38 -52.78 8.94
C LEU A 91 -11.25 -53.32 7.81
N GLY A 92 -12.20 -52.50 7.38
CA GLY A 92 -13.15 -52.95 6.37
C GLY A 92 -12.52 -53.10 5.00
N ASN A 93 -13.16 -53.93 4.18
CA ASN A 93 -12.70 -54.12 2.80
C ASN A 93 -12.87 -52.84 1.99
N LEU A 94 -13.99 -52.15 2.16
CA LEU A 94 -14.15 -50.81 1.58
C LEU A 94 -13.71 -49.73 2.57
N ALA A 95 -12.54 -49.95 3.17
CA ALA A 95 -11.83 -48.92 3.92
C ALA A 95 -10.34 -48.89 3.63
N CYS A 96 -9.75 -50.00 3.19
CA CYS A 96 -8.36 -49.99 2.74
C CYS A 96 -8.23 -49.38 1.36
N ASP A 97 -9.24 -49.53 0.51
CA ASP A 97 -9.22 -48.92 -0.81
C ASP A 97 -9.24 -47.40 -0.71
N LEU A 98 -9.99 -46.86 0.24
CA LEU A 98 -9.98 -45.42 0.49
C LEU A 98 -8.62 -44.96 1.00
N TRP A 99 -7.98 -45.77 1.84
CA TRP A 99 -6.61 -45.47 2.27
C TRP A 99 -5.64 -45.55 1.10
N LEU A 100 -5.81 -46.55 0.23
CA LEU A 100 -4.93 -46.68 -0.92
C LEU A 100 -5.16 -45.55 -1.93
N ALA A 101 -6.38 -45.02 -1.99
CA ALA A 101 -6.65 -43.89 -2.86
C ALA A 101 -6.06 -42.61 -2.28
N ILE A 102 -6.18 -42.42 -0.97
CA ILE A 102 -5.70 -41.19 -0.33
C ILE A 102 -4.17 -41.17 -0.30
N ASP A 103 -3.56 -42.29 0.08
CA ASP A 103 -2.11 -42.33 0.23
C ASP A 103 -1.38 -42.19 -1.10
N TYR A 104 -1.91 -42.81 -2.16
CA TYR A 104 -1.21 -42.81 -3.43
C TYR A 104 -1.34 -41.47 -4.14
N VAL A 105 -2.50 -40.82 -4.01
CA VAL A 105 -2.70 -39.52 -4.64
C VAL A 105 -1.85 -38.45 -3.96
N ALA A 106 -1.81 -38.47 -2.62
CA ALA A 106 -1.04 -37.48 -1.87
C ALA A 106 0.46 -37.64 -2.13
N SER A 107 0.94 -38.87 -2.25
CA SER A 107 2.34 -39.10 -2.61
C SER A 107 2.60 -38.68 -4.05
N ASN A 108 1.59 -38.86 -4.90
CA ASN A 108 1.71 -38.41 -6.31
C ASN A 108 1.72 -36.88 -6.31
N ALA A 109 0.91 -36.26 -5.45
CA ALA A 109 0.85 -34.81 -5.39
C ALA A 109 2.16 -34.22 -4.87
N SER A 110 2.85 -34.95 -3.98
CA SER A 110 4.11 -34.46 -3.44
C SER A 110 5.20 -34.41 -4.51
N VAL A 111 5.28 -35.43 -5.36
CA VAL A 111 6.29 -35.45 -6.41
C VAL A 111 5.98 -34.41 -7.48
N MET A 112 4.71 -34.28 -7.86
CA MET A 112 4.33 -33.32 -8.90
C MET A 112 4.46 -31.88 -8.40
N ASN A 113 4.34 -31.67 -7.09
CA ASN A 113 4.60 -30.34 -6.54
C ASN A 113 6.09 -30.01 -6.59
N LEU A 114 6.94 -31.04 -6.46
CA LEU A 114 8.38 -30.82 -6.60
C LEU A 114 8.73 -30.50 -8.06
N LEU A 115 7.99 -31.05 -9.01
CA LEU A 115 8.27 -30.80 -10.41
C LEU A 115 7.91 -29.37 -10.80
N VAL A 116 6.83 -28.83 -10.22
CA VAL A 116 6.49 -27.43 -10.45
C VAL A 116 7.54 -26.51 -9.84
N ILE A 117 8.06 -26.87 -8.67
CA ILE A 117 9.13 -26.09 -8.04
C ILE A 117 10.39 -26.10 -8.89
N SER A 118 10.73 -27.26 -9.47
CA SER A 118 11.86 -27.35 -10.37
C SER A 118 11.67 -26.50 -11.62
N PHE A 119 10.44 -26.48 -12.17
CA PHE A 119 10.14 -25.58 -13.28
C PHE A 119 10.13 -24.12 -12.84
N ASP A 120 9.60 -23.85 -11.64
CA ASP A 120 9.56 -22.47 -11.15
C ASP A 120 10.97 -21.96 -10.86
N ARG A 121 11.84 -22.81 -10.31
CA ARG A 121 13.22 -22.40 -10.08
C ARG A 121 14.00 -22.26 -11.38
N TYR A 122 13.63 -23.04 -12.41
CA TYR A 122 14.33 -22.96 -13.68
C TYR A 122 14.09 -21.62 -14.36
N PHE A 123 12.83 -21.20 -14.47
CA PHE A 123 12.52 -19.96 -15.16
C PHE A 123 12.89 -18.74 -14.34
N SER A 124 12.91 -18.85 -13.02
CA SER A 124 13.30 -17.73 -12.19
C SER A 124 14.81 -17.48 -12.19
N ILE A 125 15.60 -18.41 -12.69
CA ILE A 125 17.04 -18.26 -12.79
C ILE A 125 17.47 -17.93 -14.21
N THR A 126 16.97 -18.67 -15.20
CA THR A 126 17.32 -18.40 -16.59
C THR A 126 16.63 -17.15 -17.12
N ARG A 127 15.45 -16.82 -16.62
CA ARG A 127 14.71 -15.62 -17.02
C ARG A 127 14.33 -14.83 -15.79
N PRO A 128 15.31 -14.14 -15.15
CA PRO A 128 15.00 -13.40 -13.93
C PRO A 128 14.25 -12.10 -14.19
N LEU A 129 14.18 -11.63 -15.43
CA LEU A 129 13.53 -10.38 -15.75
C LEU A 129 12.22 -10.56 -16.52
N THR A 130 11.98 -11.73 -17.11
CA THR A 130 10.83 -11.92 -17.99
C THR A 130 9.89 -13.04 -17.56
N TYR A 131 10.01 -13.57 -16.35
CA TYR A 131 9.17 -14.68 -15.92
C TYR A 131 8.25 -14.34 -14.76
N ARG A 132 8.80 -13.86 -13.64
CA ARG A 132 7.99 -13.63 -12.45
C ARG A 132 7.05 -12.44 -12.60
N ALA A 133 7.31 -11.56 -13.56
CA ALA A 133 6.37 -10.47 -13.83
C ALA A 133 5.09 -10.99 -14.47
N LYS A 134 5.21 -11.93 -15.41
CA LYS A 134 4.03 -12.51 -16.05
C LYS A 134 3.32 -13.47 -15.10
N ARG A 135 4.06 -14.16 -14.24
CA ARG A 135 3.46 -15.10 -13.31
C ARG A 135 2.71 -14.33 -12.22
N THR A 136 1.42 -14.65 -12.08
CA THR A 136 0.56 -13.97 -11.11
C THR A 136 -0.12 -15.00 -10.21
N THR A 137 -1.07 -14.55 -9.39
CA THR A 137 -1.81 -15.46 -8.53
C THR A 137 -2.75 -16.35 -9.34
N LYS A 138 -3.20 -15.88 -10.51
CA LYS A 138 -4.02 -16.73 -11.36
C LYS A 138 -3.17 -17.76 -12.10
N ARG A 139 -1.93 -17.39 -12.45
CA ARG A 139 -1.04 -18.34 -13.11
C ARG A 139 -0.57 -19.41 -12.14
N ALA A 140 -0.37 -19.06 -10.87
CA ALA A 140 0.05 -20.04 -9.89
C ALA A 140 -1.06 -20.99 -9.50
N GLY A 141 -2.32 -20.62 -9.74
CA GLY A 141 -3.43 -21.52 -9.43
C GLY A 141 -3.45 -22.76 -10.30
N VAL A 142 -3.12 -22.60 -11.58
CA VAL A 142 -3.09 -23.76 -12.46
C VAL A 142 -1.81 -24.56 -12.33
N MET A 143 -0.76 -24.01 -11.70
CA MET A 143 0.40 -24.81 -11.37
C MET A 143 0.06 -25.84 -10.31
N ILE A 144 -0.61 -25.41 -9.24
CA ILE A 144 -1.03 -26.31 -8.18
C ILE A 144 -2.19 -27.21 -8.63
N GLY A 145 -3.09 -26.68 -9.46
CA GLY A 145 -4.29 -27.42 -9.82
C GLY A 145 -4.01 -28.70 -10.60
N LEU A 146 -3.15 -28.61 -11.62
CA LEU A 146 -2.78 -29.82 -12.35
C LEU A 146 -1.78 -30.67 -11.57
N ALA A 147 -1.18 -30.15 -10.51
CA ALA A 147 -0.36 -31.00 -9.65
C ALA A 147 -1.22 -31.93 -8.80
N TRP A 148 -2.48 -31.59 -8.61
CA TRP A 148 -3.42 -32.39 -7.83
C TRP A 148 -4.44 -33.14 -8.68
N VAL A 149 -4.91 -32.52 -9.77
CA VAL A 149 -5.89 -33.17 -10.64
C VAL A 149 -5.27 -34.37 -11.34
N ILE A 150 -4.06 -34.20 -11.89
CA ILE A 150 -3.36 -35.31 -12.51
C ILE A 150 -3.01 -36.37 -11.47
N SER A 151 -2.71 -35.94 -10.24
CA SER A 151 -2.49 -36.88 -9.16
C SER A 151 -3.76 -37.65 -8.81
N PHE A 152 -4.91 -36.96 -8.82
CA PHE A 152 -6.16 -37.61 -8.47
C PHE A 152 -6.67 -38.52 -9.58
N VAL A 153 -6.51 -38.10 -10.84
CA VAL A 153 -7.03 -38.86 -11.97
C VAL A 153 -6.23 -40.15 -12.17
N LEU A 154 -4.91 -40.08 -12.03
CA LEU A 154 -4.07 -41.22 -12.37
C LEU A 154 -4.18 -42.38 -11.39
N TRP A 155 -4.60 -42.13 -10.14
CA TRP A 155 -4.54 -43.18 -9.13
C TRP A 155 -5.90 -43.52 -8.54
N ALA A 156 -6.70 -42.53 -8.15
CA ALA A 156 -7.94 -42.80 -7.42
C ALA A 156 -8.97 -43.61 -8.19
N PRO A 157 -9.27 -43.34 -9.47
CA PRO A 157 -10.13 -44.29 -10.21
C PRO A 157 -9.50 -45.64 -10.44
N ALA A 158 -8.17 -45.74 -10.40
CA ALA A 158 -7.50 -47.00 -10.69
C ALA A 158 -7.52 -47.98 -9.52
N ILE A 159 -7.87 -47.53 -8.31
CA ILE A 159 -7.91 -48.39 -7.14
C ILE A 159 -9.33 -48.61 -6.63
N LEU A 160 -10.16 -47.56 -6.63
CA LEU A 160 -11.54 -47.72 -6.17
C LEU A 160 -12.40 -48.43 -7.20
N PHE A 161 -12.09 -48.28 -8.48
CA PHE A 161 -12.91 -48.81 -9.57
C PHE A 161 -12.19 -49.92 -10.33
N TRP A 162 -11.50 -50.80 -9.61
CA TRP A 162 -10.81 -51.93 -10.22
C TRP A 162 -11.52 -53.26 -9.98
N GLN A 163 -11.91 -53.56 -8.74
CA GLN A 163 -12.67 -54.76 -8.48
C GLN A 163 -14.10 -54.65 -9.01
N TYR A 164 -14.60 -53.42 -9.16
CA TYR A 164 -15.95 -53.18 -9.65
C TYR A 164 -16.01 -53.08 -11.17
N PHE A 165 -14.86 -53.13 -11.86
CA PHE A 165 -14.81 -53.00 -13.31
C PHE A 165 -14.35 -54.27 -14.01
N VAL A 166 -13.20 -54.80 -13.63
CA VAL A 166 -12.65 -56.02 -14.22
C VAL A 166 -12.57 -57.08 -13.13
N GLY A 167 -13.26 -58.20 -13.35
CA GLY A 167 -13.21 -59.29 -12.40
C GLY A 167 -13.92 -58.96 -11.10
N LYS A 168 -13.35 -59.44 -10.00
CA LYS A 168 -13.89 -59.22 -8.67
C LYS A 168 -12.72 -58.95 -7.73
N ARG A 169 -12.98 -59.02 -6.43
CA ARG A 169 -11.92 -58.85 -5.43
C ARG A 169 -10.91 -59.99 -5.54
N THR A 170 -9.63 -59.65 -5.47
CA THR A 170 -8.57 -60.62 -5.70
C THR A 170 -7.62 -60.68 -4.51
N VAL A 171 -7.58 -59.62 -3.71
CA VAL A 171 -6.67 -59.58 -2.57
C VAL A 171 -7.20 -60.49 -1.47
N PRO A 172 -6.34 -61.10 -0.65
CA PRO A 172 -6.83 -61.84 0.50
C PRO A 172 -7.44 -60.88 1.51
N PRO A 173 -8.37 -61.37 2.34
CA PRO A 173 -8.91 -60.51 3.41
C PRO A 173 -7.86 -60.11 4.43
N GLY A 174 -6.80 -60.89 4.60
CA GLY A 174 -5.72 -60.58 5.51
C GLY A 174 -4.63 -59.69 4.95
N GLU A 175 -4.71 -59.31 3.69
CA GLU A 175 -3.70 -58.47 3.06
C GLU A 175 -4.37 -57.33 2.30
N CYS A 176 -3.57 -56.33 1.93
CA CYS A 176 -4.11 -55.17 1.21
C CYS A 176 -2.98 -54.54 0.39
N PHE A 177 -3.09 -54.74 -0.92
CA PHE A 177 -2.15 -54.15 -1.90
C PHE A 177 -3.02 -53.42 -2.93
N ILE A 178 -2.43 -52.87 -3.97
CA ILE A 178 -3.15 -52.06 -4.96
C ILE A 178 -3.98 -52.90 -5.93
N GLN A 179 -3.84 -54.23 -5.89
CA GLN A 179 -4.64 -55.24 -6.57
C GLN A 179 -4.42 -55.29 -8.08
N PHE A 180 -3.59 -54.41 -8.65
CA PHE A 180 -3.12 -54.61 -10.02
C PHE A 180 -1.60 -54.73 -10.10
N LEU A 181 -0.97 -55.13 -9.00
CA LEU A 181 0.47 -55.40 -9.00
C LEU A 181 0.82 -56.59 -9.88
N SER A 182 -0.09 -57.56 -9.98
CA SER A 182 0.19 -58.75 -10.77
C SER A 182 0.18 -58.46 -12.27
N GLU A 183 -0.61 -57.48 -12.69
CA GLU A 183 -0.71 -57.18 -14.11
C GLU A 183 0.46 -56.31 -14.55
N PRO A 184 1.31 -56.79 -15.46
CA PRO A 184 2.43 -55.94 -15.94
C PRO A 184 2.04 -55.06 -17.11
N THR A 185 0.88 -54.41 -17.03
CA THR A 185 0.40 -53.53 -18.09
C THR A 185 0.21 -52.11 -17.61
N ILE A 186 -0.45 -51.92 -16.47
CA ILE A 186 -0.66 -50.58 -15.92
C ILE A 186 0.28 -50.28 -14.75
N THR A 187 0.92 -51.31 -14.18
CA THR A 187 1.88 -51.07 -13.11
C THR A 187 3.16 -50.45 -13.64
N PHE A 188 3.67 -50.97 -14.75
CA PHE A 188 4.85 -50.37 -15.37
C PHE A 188 4.52 -49.02 -16.00
N GLY A 189 3.31 -48.89 -16.54
CA GLY A 189 2.91 -47.63 -17.15
C GLY A 189 2.77 -46.51 -16.13
N THR A 190 2.20 -46.81 -14.97
CA THR A 190 2.03 -45.78 -13.94
C THR A 190 3.36 -45.49 -13.24
N ALA A 191 4.26 -46.47 -13.16
CA ALA A 191 5.56 -46.24 -12.56
C ALA A 191 6.38 -45.24 -13.36
N ILE A 192 6.30 -45.31 -14.69
CA ILE A 192 6.94 -44.30 -15.53
C ILE A 192 6.25 -42.95 -15.37
N ALA A 193 4.92 -42.95 -15.34
CA ALA A 193 4.15 -41.71 -15.32
C ALA A 193 4.06 -41.06 -13.96
N ALA A 194 4.71 -41.62 -12.94
CA ALA A 194 4.69 -41.03 -11.61
C ALA A 194 6.08 -40.74 -11.05
N PHE A 195 7.06 -41.61 -11.30
CA PHE A 195 8.39 -41.44 -10.74
C PHE A 195 9.47 -41.28 -11.81
N TYR A 196 9.50 -42.16 -12.82
CA TYR A 196 10.62 -42.17 -13.76
C TYR A 196 10.63 -40.94 -14.65
N MET A 197 9.47 -40.55 -15.20
CA MET A 197 9.43 -39.34 -16.01
C MET A 197 9.69 -38.07 -15.20
N PRO A 198 9.10 -37.85 -14.01
CA PRO A 198 9.48 -36.65 -13.24
C PRO A 198 10.92 -36.62 -12.76
N VAL A 199 11.55 -37.77 -12.50
CA VAL A 199 12.91 -37.74 -12.00
C VAL A 199 13.91 -37.41 -13.10
N THR A 200 13.52 -37.58 -14.36
CA THR A 200 14.37 -37.12 -15.45
C THR A 200 14.33 -35.60 -15.58
N ILE A 201 13.15 -35.00 -15.38
CA ILE A 201 13.00 -33.56 -15.51
C ILE A 201 13.70 -32.84 -14.37
N MET A 202 13.58 -33.36 -13.15
CA MET A 202 14.20 -32.72 -11.99
C MET A 202 15.72 -32.84 -12.04
N THR A 203 16.24 -33.92 -12.62
CA THR A 203 17.69 -34.06 -12.75
C THR A 203 18.22 -33.18 -13.88
N ILE A 204 17.47 -33.08 -14.98
CA ILE A 204 17.91 -32.28 -16.12
C ILE A 204 17.87 -30.80 -15.78
N LEU A 205 16.77 -30.36 -15.16
CA LEU A 205 16.59 -28.93 -14.89
C LEU A 205 17.56 -28.43 -13.83
N TYR A 206 17.77 -29.21 -12.77
CA TYR A 206 18.61 -28.73 -11.68
C TYR A 206 20.08 -28.70 -12.06
N TRP A 207 20.51 -29.58 -12.97
CA TRP A 207 21.86 -29.48 -13.51
C TRP A 207 22.02 -28.23 -14.36
N ARG A 208 20.98 -27.87 -15.11
CA ARG A 208 21.00 -26.63 -15.88
C ARG A 208 20.96 -25.41 -14.97
N ILE A 209 20.32 -25.53 -13.81
CA ILE A 209 20.30 -24.44 -12.83
C ILE A 209 21.70 -24.24 -12.24
N TYR A 210 22.38 -25.35 -11.93
CA TYR A 210 23.74 -25.26 -11.41
C TYR A 210 24.71 -24.72 -12.45
N LYS A 211 24.43 -24.97 -13.74
CA LYS A 211 25.28 -24.45 -14.80
C LYS A 211 25.23 -22.92 -14.85
N GLU A 212 24.06 -22.34 -14.63
CA GLU A 212 23.93 -20.89 -14.66
C GLU A 212 24.53 -20.23 -13.41
N THR A 213 24.68 -20.97 -12.32
CA THR A 213 25.31 -20.40 -11.14
C THR A 213 26.81 -20.24 -11.36
N GLU A 214 27.44 -21.21 -12.01
CA GLU A 214 28.86 -21.10 -12.33
C GLU A 214 29.11 -20.06 -13.42
N LYS A 215 28.14 -19.88 -14.32
CA LYS A 215 28.27 -18.89 -15.39
C LYS A 215 28.25 -17.46 -14.83
N ARG A 216 27.45 -17.23 -13.79
CA ARG A 216 27.38 -15.90 -13.19
C ARG A 216 28.68 -15.53 -12.48
N THR A 217 29.27 -16.48 -11.75
CA THR A 217 30.49 -16.19 -10.99
C THR A 217 31.69 -15.96 -11.91
N LYS A 218 31.70 -16.61 -13.07
CA LYS A 218 32.81 -16.42 -14.00
C LYS A 218 32.76 -15.05 -14.65
N GLU A 219 31.56 -14.51 -14.88
CA GLU A 219 31.43 -13.22 -15.54
C GLU A 219 31.92 -12.09 -14.64
N LEU A 220 31.64 -12.16 -13.34
CA LEU A 220 32.08 -11.15 -12.40
C LEU A 220 33.49 -11.44 -11.90
N GLU A 261 29.23 -21.68 -6.20
CA GLU A 261 30.08 -22.83 -6.42
C GLU A 261 30.29 -23.62 -5.13
N LYS A 262 30.13 -22.94 -3.99
CA LYS A 262 30.30 -23.58 -2.69
C LYS A 262 28.98 -24.12 -2.17
N LYS A 263 27.98 -23.26 -2.01
CA LYS A 263 26.66 -23.69 -1.58
C LYS A 263 25.81 -24.24 -2.72
N ALA A 264 26.27 -24.11 -3.96
CA ALA A 264 25.51 -24.62 -5.10
C ALA A 264 25.47 -26.14 -5.09
N ALA A 265 26.62 -26.79 -4.92
CA ALA A 265 26.65 -28.25 -4.92
C ALA A 265 26.09 -28.83 -3.64
N GLN A 266 26.05 -28.05 -2.56
CA GLN A 266 25.53 -28.54 -1.30
C GLN A 266 24.01 -28.71 -1.36
N THR A 267 23.31 -27.69 -1.88
CA THR A 267 21.86 -27.77 -1.99
C THR A 267 21.45 -28.71 -3.12
N LEU A 268 22.19 -28.69 -4.23
CA LEU A 268 21.88 -29.54 -5.37
C LEU A 268 21.97 -31.02 -5.03
N SER A 269 22.99 -31.41 -4.25
CA SER A 269 23.10 -32.79 -3.81
C SER A 269 22.00 -33.14 -2.82
N ALA A 270 21.64 -32.21 -1.93
CA ALA A 270 20.64 -32.49 -0.91
C ALA A 270 19.24 -32.63 -1.52
N ILE A 271 18.96 -31.87 -2.58
CA ILE A 271 17.67 -31.97 -3.26
C ILE A 271 17.54 -33.33 -3.95
N LEU A 272 18.57 -33.71 -4.71
CA LEU A 272 18.49 -34.85 -5.60
C LEU A 272 18.86 -36.18 -4.94
N LEU A 273 19.36 -36.17 -3.71
CA LEU A 273 19.65 -37.41 -3.01
C LEU A 273 18.63 -37.71 -1.92
N ALA A 274 17.95 -36.70 -1.38
CA ALA A 274 16.85 -36.96 -0.46
C ALA A 274 15.60 -37.43 -1.18
N PHE A 275 15.57 -37.34 -2.51
CA PHE A 275 14.47 -37.81 -3.33
C PHE A 275 14.76 -39.16 -3.98
N ILE A 276 15.98 -39.38 -4.45
CA ILE A 276 16.32 -40.64 -5.10
C ILE A 276 16.40 -41.77 -4.07
N ILE A 277 17.06 -41.51 -2.94
CA ILE A 277 17.26 -42.55 -1.93
C ILE A 277 15.94 -42.99 -1.32
N THR A 278 15.06 -42.03 -1.06
CA THR A 278 13.79 -42.33 -0.40
C THR A 278 12.73 -42.87 -1.35
N TRP A 279 13.01 -42.98 -2.63
CA TRP A 279 11.98 -43.42 -3.57
C TRP A 279 12.40 -44.59 -4.46
N THR A 280 13.66 -44.64 -4.86
CA THR A 280 14.08 -45.65 -5.84
C THR A 280 14.01 -47.10 -5.33
N PRO A 281 14.21 -47.42 -4.03
CA PRO A 281 13.87 -48.78 -3.57
C PRO A 281 12.44 -49.20 -3.85
N TYR A 282 11.46 -48.30 -3.71
CA TYR A 282 10.07 -48.69 -3.96
C TYR A 282 9.81 -48.91 -5.44
N ASN A 283 10.31 -48.02 -6.29
CA ASN A 283 10.00 -48.11 -7.71
C ASN A 283 10.81 -49.19 -8.42
N ILE A 284 11.89 -49.67 -7.80
CA ILE A 284 12.56 -50.87 -8.31
C ILE A 284 11.81 -52.12 -7.86
N MET A 285 11.35 -52.13 -6.61
CA MET A 285 10.66 -53.31 -6.08
C MET A 285 9.32 -53.53 -6.75
N VAL A 286 8.64 -52.45 -7.15
CA VAL A 286 7.34 -52.58 -7.79
C VAL A 286 7.46 -53.14 -9.20
N LEU A 287 8.61 -52.95 -9.86
CA LEU A 287 8.74 -53.41 -11.24
C LEU A 287 8.99 -54.91 -11.32
N VAL A 288 9.69 -55.47 -10.33
CA VAL A 288 9.96 -56.90 -10.38
C VAL A 288 8.75 -57.70 -9.94
N ASN A 289 7.75 -57.04 -9.38
CA ASN A 289 6.49 -57.76 -9.04
C ASN A 289 5.56 -57.70 -10.24
N THR A 290 5.90 -56.97 -11.30
CA THR A 290 5.08 -56.99 -12.51
C THR A 290 5.16 -58.35 -13.21
N PHE A 291 6.35 -58.93 -13.29
CA PHE A 291 6.53 -60.23 -13.93
C PHE A 291 6.72 -61.37 -12.93
N CYS A 292 7.44 -61.13 -11.84
CA CYS A 292 7.55 -62.14 -10.79
C CYS A 292 6.46 -61.94 -9.74
N ASP A 293 6.28 -62.95 -8.89
CA ASP A 293 5.16 -62.99 -7.96
C ASP A 293 5.59 -62.84 -6.51
N SER A 294 6.48 -63.71 -6.03
CA SER A 294 6.82 -63.74 -4.60
C SER A 294 8.33 -63.89 -4.42
N CYS A 295 9.11 -63.13 -5.18
CA CYS A 295 10.56 -63.14 -5.06
C CYS A 295 11.09 -62.06 -4.11
N ILE A 296 10.21 -61.27 -3.52
CA ILE A 296 10.61 -60.20 -2.61
C ILE A 296 10.22 -60.62 -1.19
N PRO A 297 11.15 -60.66 -0.25
CA PRO A 297 10.78 -60.88 1.16
C PRO A 297 9.92 -59.73 1.68
N LYS A 298 8.95 -60.07 2.54
CA LYS A 298 8.06 -59.06 3.08
C LYS A 298 8.78 -58.13 4.05
N THR A 299 9.88 -58.58 4.63
CA THR A 299 10.70 -57.70 5.46
C THR A 299 11.33 -56.58 4.63
N PHE A 300 11.80 -56.92 3.42
CA PHE A 300 12.42 -55.92 2.55
C PHE A 300 11.38 -55.03 1.88
N TRP A 301 10.21 -55.59 1.55
CA TRP A 301 9.19 -54.85 0.82
C TRP A 301 8.65 -53.68 1.64
N ASN A 302 8.38 -53.92 2.92
CA ASN A 302 7.89 -52.85 3.78
C ASN A 302 8.98 -51.86 4.16
N LEU A 303 10.25 -52.24 4.00
CA LEU A 303 11.34 -51.30 4.25
C LEU A 303 11.38 -50.23 3.16
N GLY A 304 11.29 -50.64 1.90
CA GLY A 304 11.20 -49.68 0.82
C GLY A 304 9.85 -48.99 0.72
N TYR A 305 8.80 -49.61 1.26
CA TYR A 305 7.49 -48.96 1.31
C TYR A 305 7.48 -47.82 2.33
N TRP A 306 8.19 -47.99 3.44
CA TRP A 306 8.23 -46.94 4.46
C TRP A 306 9.28 -45.88 4.18
N LEU A 307 10.29 -46.20 3.35
CA LEU A 307 11.25 -45.20 2.91
C LEU A 307 10.59 -44.10 2.09
N CYS A 308 9.43 -44.40 1.49
CA CYS A 308 8.73 -43.42 0.66
C CYS A 308 8.10 -42.30 1.49
N TYR A 309 7.94 -42.50 2.80
CA TYR A 309 7.45 -41.45 3.68
C TYR A 309 8.56 -40.59 4.28
N ILE A 310 9.82 -40.96 4.08
CA ILE A 310 10.93 -40.16 4.61
C ILE A 310 11.10 -38.89 3.79
N ASN A 311 10.73 -38.93 2.51
CA ASN A 311 10.73 -37.72 1.70
C ASN A 311 9.70 -36.72 2.21
N SER A 312 8.58 -37.22 2.73
CA SER A 312 7.58 -36.37 3.36
C SER A 312 8.13 -35.68 4.60
N THR A 313 9.09 -36.33 5.29
CA THR A 313 9.70 -35.72 6.46
C THR A 313 10.65 -34.58 6.08
N VAL A 314 11.49 -34.81 5.05
CA VAL A 314 12.57 -33.87 4.74
C VAL A 314 12.16 -32.76 3.79
N ASN A 315 10.96 -32.81 3.21
CA ASN A 315 10.52 -31.75 2.31
C ASN A 315 10.43 -30.36 2.95
N PRO A 316 9.95 -30.18 4.19
CA PRO A 316 10.06 -28.85 4.81
C PRO A 316 11.49 -28.41 5.08
N VAL A 317 12.46 -29.33 5.10
CA VAL A 317 13.83 -28.96 5.42
C VAL A 317 14.57 -28.47 4.19
N CYS A 318 14.57 -29.26 3.12
CA CYS A 318 15.42 -28.94 1.98
C CYS A 318 14.79 -27.97 1.00
N TYR A 319 13.53 -27.60 1.16
CA TYR A 319 12.88 -26.65 0.27
C TYR A 319 12.45 -25.36 0.96
N ALA A 320 11.93 -25.44 2.17
CA ALA A 320 11.51 -24.24 2.89
C ALA A 320 12.66 -23.62 3.68
N LEU A 321 13.40 -24.43 4.44
CA LEU A 321 14.46 -23.92 5.30
C LEU A 321 15.68 -23.43 4.54
N CYS A 322 15.75 -23.69 3.22
CA CYS A 322 16.78 -23.08 2.40
C CYS A 322 16.61 -21.57 2.35
N ASN A 323 15.37 -21.09 2.40
CA ASN A 323 15.11 -19.67 2.47
C ASN A 323 15.42 -19.17 3.88
N LYS A 324 16.18 -18.07 3.97
CA LYS A 324 16.54 -17.52 5.27
C LYS A 324 15.33 -16.90 5.98
N THR A 325 14.36 -16.42 5.21
CA THR A 325 13.15 -15.85 5.80
C THR A 325 12.32 -16.92 6.50
N PHE A 326 12.24 -18.11 5.91
CA PHE A 326 11.53 -19.22 6.56
C PHE A 326 12.27 -19.68 7.80
N ARG A 327 13.61 -19.72 7.76
CA ARG A 327 14.39 -20.20 8.89
C ARG A 327 14.24 -19.30 10.11
N THR A 328 14.19 -17.98 9.88
CA THR A 328 13.99 -17.05 10.99
C THR A 328 12.60 -17.22 11.61
N THR A 329 11.59 -17.42 10.76
CA THR A 329 10.22 -17.60 11.28
C THR A 329 10.06 -18.94 11.97
N PHE A 330 10.80 -19.96 11.55
CA PHE A 330 10.77 -21.25 12.23
C PHE A 330 11.32 -21.15 13.65
N LYS A 331 12.42 -20.41 13.83
CA LYS A 331 13.02 -20.28 15.15
C LYS A 331 12.17 -19.44 16.08
N MET A 332 11.45 -18.45 15.53
CA MET A 332 10.59 -17.61 16.35
C MET A 332 9.39 -18.38 16.88
N LEU A 333 8.79 -19.24 16.05
CA LEU A 333 7.65 -20.03 16.49
C LEU A 333 8.04 -21.19 17.38
N LEU A 334 9.23 -21.78 17.16
CA LEU A 334 9.65 -22.91 17.97
C LEU A 334 10.09 -22.48 19.36
N LEU A 335 10.80 -21.36 19.45
CA LEU A 335 11.33 -20.90 20.73
C LEU A 335 10.37 -19.94 21.43
N CYS A 336 10.04 -18.83 20.77
CA CYS A 336 9.15 -17.82 21.34
C CYS A 336 7.70 -18.17 20.99
N GLN A 337 7.20 -19.20 21.67
CA GLN A 337 5.82 -19.67 21.46
C GLN A 337 4.81 -18.67 22.02
N VAL B 5 -26.57 -3.21 6.67
CA VAL B 5 -26.23 -2.74 5.34
C VAL B 5 -27.48 -2.23 4.62
N SER B 6 -27.53 -0.93 4.39
CA SER B 6 -28.68 -0.31 3.72
C SER B 6 -28.51 -0.45 2.21
N ALA B 7 -29.38 0.23 1.45
CA ALA B 7 -29.32 0.15 0.00
C ALA B 7 -28.16 0.95 -0.57
N GLU B 8 -27.88 2.12 -0.01
CA GLU B 8 -26.88 3.01 -0.59
C GLU B 8 -25.46 2.57 -0.26
N ASP B 9 -25.20 2.12 0.98
CA ASP B 9 -23.85 1.69 1.31
C ASP B 9 -23.53 0.31 0.71
N LYS B 10 -24.55 -0.46 0.35
CA LYS B 10 -24.33 -1.64 -0.48
C LYS B 10 -23.82 -1.23 -1.86
N ALA B 11 -24.39 -0.19 -2.44
CA ALA B 11 -23.90 0.34 -3.70
C ALA B 11 -22.56 1.05 -3.51
N ALA B 12 -22.32 1.62 -2.33
CA ALA B 12 -21.02 2.20 -2.04
C ALA B 12 -19.96 1.12 -1.86
N ALA B 13 -20.36 -0.03 -1.31
CA ALA B 13 -19.43 -1.16 -1.19
C ALA B 13 -19.09 -1.72 -2.57
N GLU B 14 -20.05 -1.70 -3.49
CA GLU B 14 -19.78 -2.13 -4.86
C GLU B 14 -18.85 -1.15 -5.58
N ARG B 15 -18.96 0.15 -5.26
CA ARG B 15 -18.03 1.13 -5.81
C ARG B 15 -16.61 0.87 -5.32
N SER B 16 -16.46 0.52 -4.04
CA SER B 16 -15.14 0.22 -3.49
C SER B 16 -14.53 -1.02 -4.14
N LYS B 17 -15.33 -2.06 -4.37
CA LYS B 17 -14.83 -3.27 -5.00
C LYS B 17 -14.33 -3.02 -6.41
N MET B 18 -14.97 -2.09 -7.12
CA MET B 18 -14.45 -1.68 -8.42
C MET B 18 -13.13 -0.92 -8.27
N ILE B 19 -12.95 -0.22 -7.15
CA ILE B 19 -11.71 0.51 -6.91
C ILE B 19 -10.56 -0.45 -6.61
N ASP B 20 -10.81 -1.49 -5.79
CA ASP B 20 -9.78 -2.51 -5.56
C ASP B 20 -9.44 -3.25 -6.85
N LYS B 21 -10.42 -3.43 -7.74
CA LYS B 21 -10.14 -4.05 -9.03
C LYS B 21 -9.24 -3.16 -9.88
N ASN B 22 -9.49 -1.86 -9.87
CA ASN B 22 -8.64 -0.94 -10.64
C ASN B 22 -7.31 -0.69 -9.95
N LEU B 23 -7.23 -0.89 -8.64
CA LEU B 23 -5.97 -0.69 -7.95
C LEU B 23 -5.01 -1.86 -8.14
N ARG B 24 -5.53 -3.06 -8.36
CA ARG B 24 -4.68 -4.23 -8.51
C ARG B 24 -4.27 -4.48 -9.95
N GLU B 25 -4.92 -3.84 -10.93
CA GLU B 25 -4.57 -4.08 -12.32
C GLU B 25 -3.36 -3.27 -12.75
N ASP B 26 -3.18 -2.07 -12.21
CA ASP B 26 -1.99 -1.29 -12.52
C ASP B 26 -0.83 -1.58 -11.58
N GLY B 27 -1.12 -2.13 -10.39
CA GLY B 27 -0.05 -2.62 -9.54
C GLY B 27 0.67 -3.81 -10.16
N GLU B 28 -0.06 -4.64 -10.91
CA GLU B 28 0.59 -5.67 -11.72
C GLU B 28 1.43 -5.04 -12.82
N LYS B 29 0.94 -3.96 -13.42
CA LYS B 29 1.74 -3.24 -14.42
C LYS B 29 2.92 -2.53 -13.79
N ALA B 30 2.75 -2.06 -12.55
CA ALA B 30 3.86 -1.38 -11.86
C ALA B 30 4.93 -2.37 -11.44
N ARG B 31 4.54 -3.62 -11.18
CA ARG B 31 5.50 -4.64 -10.77
C ARG B 31 6.36 -5.16 -11.93
N ARG B 32 5.99 -4.84 -13.17
CA ARG B 32 6.73 -5.31 -14.33
C ARG B 32 7.88 -4.40 -14.74
N THR B 33 7.99 -3.21 -14.15
CA THR B 33 9.05 -2.28 -14.50
C THR B 33 10.12 -2.26 -13.43
N LEU B 34 11.30 -1.77 -13.82
CA LEU B 34 12.46 -1.69 -12.94
C LEU B 34 12.82 -0.23 -12.71
N ARG B 35 13.03 0.13 -11.46
CA ARG B 35 13.32 1.51 -11.08
C ARG B 35 14.81 1.67 -10.83
N LEU B 36 15.41 2.68 -11.47
CA LEU B 36 16.83 2.97 -11.36
C LEU B 36 17.03 4.40 -10.87
N LEU B 37 18.03 4.60 -10.03
CA LEU B 37 18.37 5.91 -9.51
C LEU B 37 19.68 6.38 -10.12
N LEU B 38 19.67 7.60 -10.66
CA LEU B 38 20.85 8.17 -11.31
C LEU B 38 21.47 9.22 -10.39
N LEU B 39 22.76 9.06 -10.09
CA LEU B 39 23.49 9.98 -9.25
C LEU B 39 24.81 10.33 -9.92
N GLY B 40 25.31 11.53 -9.61
CA GLY B 40 26.57 11.99 -10.18
C GLY B 40 26.75 13.47 -9.92
N ALA B 41 27.95 13.93 -10.25
CA ALA B 41 28.31 15.32 -10.07
C ALA B 41 27.86 16.16 -11.26
N ASP B 42 28.15 17.45 -11.22
CA ASP B 42 27.76 18.35 -12.30
C ASP B 42 28.59 18.11 -13.56
N ASN B 43 29.85 17.72 -13.41
CA ASN B 43 30.73 17.46 -14.53
C ASN B 43 30.74 16.00 -14.96
N SER B 44 29.88 15.16 -14.34
CA SER B 44 29.90 13.73 -14.64
C SER B 44 29.30 13.43 -16.01
N GLY B 45 28.43 14.30 -16.52
CA GLY B 45 27.71 14.00 -17.75
C GLY B 45 26.74 12.85 -17.62
N LYS B 46 25.99 12.81 -16.52
CA LYS B 46 25.07 11.70 -16.27
C LYS B 46 23.86 11.74 -17.20
N SER B 47 23.55 12.89 -17.80
CA SER B 47 22.45 12.95 -18.76
C SER B 47 22.81 12.23 -20.05
N THR B 48 24.07 12.29 -20.46
CA THR B 48 24.54 11.63 -21.68
C THR B 48 25.06 10.22 -21.39
N ILE B 49 24.24 9.41 -20.72
CA ILE B 49 24.55 8.01 -20.47
C ILE B 49 23.71 7.09 -21.37
N VAL B 50 22.39 7.18 -21.29
CA VAL B 50 21.48 6.40 -22.11
C VAL B 50 20.79 7.36 -23.07
N LYS B 51 21.03 7.17 -24.37
CA LYS B 51 20.45 8.04 -25.40
C LYS B 51 19.00 7.60 -25.64
N GLN B 52 18.12 8.13 -24.79
CA GLN B 52 16.69 7.82 -24.89
C GLN B 52 15.85 8.97 -24.37
N GLY B 68 12.31 19.85 -10.74
CA GLY B 68 12.10 18.94 -9.64
C GLY B 68 12.79 17.61 -9.83
N ILE B 69 12.08 16.66 -10.45
CA ILE B 69 12.61 15.34 -10.74
C ILE B 69 12.46 15.06 -12.23
N PHE B 70 13.46 14.44 -12.82
CA PHE B 70 13.46 14.09 -14.22
C PHE B 70 13.41 12.57 -14.34
N GLU B 71 12.41 12.06 -15.05
CA GLU B 71 12.21 10.63 -15.24
C GLU B 71 12.34 10.28 -16.71
N THR B 72 13.13 9.25 -17.01
CA THR B 72 13.36 8.80 -18.37
C THR B 72 12.93 7.34 -18.52
N LYS B 73 12.41 7.01 -19.69
CA LYS B 73 11.95 5.66 -20.00
C LYS B 73 12.83 5.05 -21.08
N PHE B 74 13.21 3.78 -20.89
CA PHE B 74 13.90 3.05 -21.94
C PHE B 74 13.63 1.56 -21.75
N GLN B 75 13.63 0.83 -22.86
CA GLN B 75 13.34 -0.60 -22.88
C GLN B 75 14.48 -1.34 -23.55
N VAL B 76 15.02 -2.35 -22.87
CA VAL B 76 16.05 -3.22 -23.42
C VAL B 76 15.54 -4.64 -23.33
N ASP B 77 15.39 -5.31 -24.48
CA ASP B 77 14.91 -6.69 -24.57
C ASP B 77 13.54 -6.87 -23.90
N LYS B 78 12.64 -5.93 -24.18
CA LYS B 78 11.21 -6.01 -23.84
C LYS B 78 10.94 -6.08 -22.33
N VAL B 79 11.76 -5.41 -21.51
CA VAL B 79 11.42 -5.17 -20.12
C VAL B 79 11.58 -3.68 -19.85
N ASN B 80 10.60 -3.10 -19.17
CA ASN B 80 10.57 -1.67 -18.97
C ASN B 80 11.52 -1.26 -17.84
N PHE B 81 12.23 -0.16 -18.07
CA PHE B 81 13.11 0.42 -17.08
C PHE B 81 12.66 1.85 -16.78
N HIS B 82 12.91 2.29 -15.55
CA HIS B 82 12.56 3.64 -15.12
C HIS B 82 13.77 4.24 -14.43
N MET B 83 14.33 5.30 -15.01
CA MET B 83 15.48 5.99 -14.45
C MET B 83 15.04 7.36 -13.95
N PHE B 84 15.44 7.68 -12.72
CA PHE B 84 15.02 8.92 -12.07
C PHE B 84 16.25 9.76 -11.76
N ASP B 85 16.22 11.02 -12.19
CA ASP B 85 17.26 11.98 -11.88
C ASP B 85 16.68 13.08 -11.01
N VAL B 86 17.32 13.34 -9.88
CA VAL B 86 16.86 14.35 -8.92
C VAL B 86 17.86 15.50 -8.95
N GLY B 87 17.38 16.69 -9.30
CA GLY B 87 18.23 17.86 -9.37
C GLY B 87 18.24 18.50 -10.75
N ARG B 93 23.00 15.58 3.68
CA ARG B 93 23.07 16.11 2.31
C ARG B 93 21.89 15.61 1.49
N ARG B 94 21.63 14.30 1.55
CA ARG B 94 20.56 13.67 0.80
C ARG B 94 19.62 12.99 1.79
N LYS B 95 18.66 13.76 2.31
CA LYS B 95 17.67 13.19 3.23
C LYS B 95 16.64 12.37 2.49
N TRP B 96 16.40 12.66 1.21
CA TRP B 96 15.43 11.95 0.40
C TRP B 96 15.91 10.59 -0.08
N ILE B 97 17.07 10.13 0.38
CA ILE B 97 17.62 8.86 -0.06
C ILE B 97 16.83 7.67 0.47
N GLN B 98 15.99 7.87 1.48
CA GLN B 98 15.18 6.78 2.00
C GLN B 98 14.00 6.46 1.09
N CYS B 99 13.66 7.35 0.16
CA CYS B 99 12.62 7.06 -0.82
C CYS B 99 13.06 5.95 -1.77
N PHE B 100 14.32 5.94 -2.16
CA PHE B 100 14.86 4.95 -3.08
C PHE B 100 15.44 3.75 -2.35
N ASN B 101 14.63 3.17 -1.46
CA ASN B 101 15.03 1.98 -0.70
C ASN B 101 14.75 0.69 -1.45
N ASP B 102 13.76 0.68 -2.34
CA ASP B 102 13.35 -0.52 -3.05
C ASP B 102 13.72 -0.50 -4.52
N VAL B 103 14.65 0.38 -4.92
CA VAL B 103 15.05 0.44 -6.32
C VAL B 103 15.92 -0.77 -6.65
N THR B 104 15.95 -1.12 -7.93
CA THR B 104 16.75 -2.26 -8.38
C THR B 104 18.24 -1.96 -8.28
N ALA B 105 18.67 -0.78 -8.74
CA ALA B 105 20.07 -0.43 -8.73
C ALA B 105 20.21 1.09 -8.75
N ILE B 106 21.40 1.56 -8.39
CA ILE B 106 21.75 2.97 -8.44
C ILE B 106 22.88 3.13 -9.44
N ILE B 107 22.71 4.06 -10.38
CA ILE B 107 23.71 4.30 -11.43
C ILE B 107 24.53 5.51 -11.02
N PHE B 108 25.81 5.29 -10.75
CA PHE B 108 26.72 6.33 -10.30
C PHE B 108 27.71 6.66 -11.40
N VAL B 109 27.87 7.94 -11.70
CA VAL B 109 28.68 8.41 -12.81
C VAL B 109 29.82 9.24 -12.24
N VAL B 110 31.05 8.92 -12.65
CA VAL B 110 32.26 9.55 -12.12
C VAL B 110 32.99 10.25 -13.26
N ASP B 111 33.47 11.46 -13.00
CA ASP B 111 34.36 12.17 -13.92
C ASP B 111 35.77 11.64 -13.70
N SER B 112 36.14 10.61 -14.47
CA SER B 112 37.48 10.06 -14.39
C SER B 112 38.52 10.96 -15.03
N SER B 113 38.09 11.89 -15.90
CA SER B 113 39.03 12.83 -16.50
C SER B 113 39.48 13.87 -15.49
N ASP B 114 38.55 14.44 -14.73
CA ASP B 114 38.86 15.50 -13.77
C ASP B 114 39.48 14.86 -12.53
N TYR B 115 40.81 14.95 -12.43
CA TYR B 115 41.52 14.37 -11.28
C TYR B 115 41.36 15.20 -10.02
N ASN B 116 40.95 16.48 -10.14
CA ASN B 116 40.79 17.33 -8.97
C ASN B 116 39.63 16.87 -8.10
N ARG B 117 38.50 16.53 -8.71
CA ARG B 117 37.30 16.15 -7.99
C ARG B 117 37.18 14.65 -7.76
N LEU B 118 38.22 13.88 -8.09
CA LEU B 118 38.16 12.43 -7.92
C LEU B 118 38.11 12.05 -6.46
N GLN B 119 38.86 12.75 -5.60
CA GLN B 119 38.81 12.48 -4.17
C GLN B 119 37.43 12.84 -3.60
N GLU B 120 36.82 13.91 -4.14
CA GLU B 120 35.43 14.21 -3.78
C GLU B 120 34.49 13.13 -4.30
N ALA B 121 34.81 12.56 -5.47
CA ALA B 121 34.00 11.47 -6.00
C ALA B 121 34.15 10.20 -5.17
N LEU B 122 35.35 9.96 -4.62
CA LEU B 122 35.53 8.85 -3.69
C LEU B 122 34.72 9.06 -2.42
N ASN B 123 34.73 10.28 -1.88
CA ASN B 123 33.99 10.56 -0.65
C ASN B 123 32.49 10.50 -0.89
N ASP B 124 32.03 10.96 -2.07
CA ASP B 124 30.61 10.86 -2.39
C ASP B 124 30.19 9.40 -2.60
N PHE B 125 31.05 8.59 -3.22
CA PHE B 125 30.76 7.17 -3.39
C PHE B 125 30.80 6.44 -2.06
N LYS B 126 31.60 6.94 -1.10
CA LYS B 126 31.63 6.36 0.23
C LYS B 126 30.31 6.54 0.95
N SER B 127 29.65 7.69 0.75
CA SER B 127 28.39 7.95 1.41
C SER B 127 27.26 7.09 0.84
N ILE B 128 27.29 6.85 -0.47
CA ILE B 128 26.26 6.03 -1.10
C ILE B 128 26.43 4.57 -0.70
N TRP B 129 27.67 4.07 -0.67
CA TRP B 129 27.90 2.67 -0.36
C TRP B 129 27.60 2.35 1.10
N ASN B 130 27.94 3.25 2.01
CA ASN B 130 27.78 3.02 3.44
C ASN B 130 26.53 3.67 4.01
N ASN B 131 25.55 3.99 3.17
CA ASN B 131 24.33 4.60 3.65
C ASN B 131 23.45 3.56 4.34
N ARG B 132 22.63 4.03 5.29
CA ARG B 132 21.78 3.13 6.06
C ARG B 132 20.67 2.54 5.20
N TRP B 133 20.11 3.33 4.28
CA TRP B 133 19.01 2.89 3.45
C TRP B 133 19.46 2.24 2.15
N LEU B 134 20.76 2.18 1.89
CA LEU B 134 21.30 1.57 0.68
C LEU B 134 22.30 0.46 1.04
N ARG B 135 21.99 -0.30 2.09
CA ARG B 135 22.89 -1.35 2.53
C ARG B 135 22.77 -2.63 1.71
N THR B 136 21.69 -2.77 0.93
CA THR B 136 21.48 -3.94 0.10
C THR B 136 21.23 -3.59 -1.36
N ILE B 137 21.54 -2.36 -1.78
CA ILE B 137 21.26 -1.88 -3.13
C ILE B 137 22.57 -1.83 -3.89
N SER B 138 22.61 -2.51 -5.04
CA SER B 138 23.81 -2.52 -5.86
C SER B 138 23.99 -1.17 -6.56
N VAL B 139 25.24 -0.90 -6.93
CA VAL B 139 25.61 0.33 -7.61
C VAL B 139 26.30 -0.02 -8.92
N ILE B 140 25.77 0.48 -10.02
CA ILE B 140 26.43 0.35 -11.32
C ILE B 140 27.29 1.59 -11.53
N LEU B 141 28.59 1.38 -11.68
CA LEU B 141 29.56 2.47 -11.73
C LEU B 141 29.96 2.73 -13.17
N PHE B 142 29.81 3.98 -13.62
CA PHE B 142 30.19 4.39 -14.96
C PHE B 142 31.30 5.42 -14.84
N LEU B 143 32.50 5.03 -15.25
CA LEU B 143 33.64 5.95 -15.27
C LEU B 143 33.56 6.73 -16.58
N ASN B 144 32.85 7.86 -16.52
CA ASN B 144 32.53 8.60 -17.73
C ASN B 144 33.74 9.33 -18.29
N LYS B 145 33.69 9.72 -19.55
CA LYS B 145 34.83 10.43 -20.14
C LYS B 145 36.08 9.58 -19.97
N GLN B 146 36.04 8.33 -20.47
CA GLN B 146 37.27 7.54 -20.41
C GLN B 146 38.24 7.90 -21.54
N ASP B 147 37.73 8.46 -22.64
CA ASP B 147 38.61 8.93 -23.71
C ASP B 147 39.42 10.15 -23.27
N LEU B 148 38.83 10.97 -22.40
CA LEU B 148 39.50 12.22 -21.99
C LEU B 148 40.67 11.96 -21.07
N LEU B 149 40.61 10.89 -20.26
CA LEU B 149 41.73 10.58 -19.38
C LEU B 149 42.90 10.00 -20.15
N ALA B 150 42.67 9.52 -21.38
CA ALA B 150 43.77 9.07 -22.22
C ALA B 150 44.68 10.23 -22.61
N GLU B 151 44.10 11.36 -23.04
CA GLU B 151 44.91 12.50 -23.45
C GLU B 151 45.60 13.16 -22.26
N LYS B 152 45.07 12.94 -21.05
CA LYS B 152 45.74 13.45 -19.86
C LYS B 152 46.90 12.57 -19.41
N VAL B 153 47.09 11.40 -20.02
CA VAL B 153 48.13 10.48 -19.58
C VAL B 153 48.99 10.07 -20.77
N LEU B 154 48.50 10.29 -22.00
CA LEU B 154 49.31 10.01 -23.18
C LEU B 154 50.02 11.26 -23.67
N ALA B 155 49.33 12.40 -23.66
CA ALA B 155 49.92 13.66 -24.07
C ALA B 155 50.53 14.35 -22.86
N GLY B 156 50.91 15.62 -23.03
CA GLY B 156 51.49 16.38 -21.93
C GLY B 156 50.46 17.15 -21.14
N LYS B 157 50.20 16.70 -19.92
CA LYS B 157 49.19 17.32 -19.06
C LYS B 157 49.63 17.16 -17.61
N SER B 158 48.70 17.37 -16.68
CA SER B 158 49.01 17.25 -15.26
C SER B 158 49.26 15.79 -14.89
N LYS B 159 50.18 15.58 -13.94
CA LYS B 159 50.52 14.24 -13.52
C LYS B 159 49.41 13.65 -12.65
N ILE B 160 49.04 12.40 -12.94
CA ILE B 160 48.03 11.72 -12.14
C ILE B 160 48.55 11.42 -10.74
N GLU B 161 49.85 11.11 -10.63
CA GLU B 161 50.43 10.76 -9.33
C GLU B 161 50.57 11.97 -8.40
N ASP B 162 50.41 13.18 -8.92
CA ASP B 162 50.47 14.37 -8.07
C ASP B 162 49.27 14.42 -7.13
N TYR B 163 48.07 14.23 -7.67
CA TYR B 163 46.86 14.29 -6.84
C TYR B 163 46.74 13.06 -5.96
N PHE B 164 46.96 11.88 -6.53
CA PHE B 164 46.95 10.63 -5.77
C PHE B 164 48.36 10.14 -5.55
N PRO B 165 48.92 10.23 -4.33
CA PRO B 165 50.32 9.86 -4.09
C PRO B 165 50.54 8.36 -3.93
N GLU B 166 50.15 7.59 -4.95
CA GLU B 166 50.48 6.14 -4.90
C GLU B 166 50.46 5.51 -6.31
N PHE B 167 50.02 6.24 -7.35
CA PHE B 167 49.97 5.73 -8.75
C PHE B 167 51.35 5.44 -9.34
N ALA B 168 52.30 6.38 -9.14
CA ALA B 168 53.68 6.27 -9.69
C ALA B 168 54.29 4.99 -9.17
N ARG B 169 53.88 4.59 -7.97
CA ARG B 169 54.25 3.24 -7.52
C ARG B 169 53.34 2.39 -8.37
N TYR B 170 53.41 2.52 -9.71
CA TYR B 170 52.34 1.87 -10.51
C TYR B 170 52.41 0.42 -10.14
N THR B 171 51.26 -0.18 -9.88
CA THR B 171 51.34 -1.56 -9.35
C THR B 171 50.59 -2.53 -10.24
N THR B 172 51.23 -3.62 -10.65
CA THR B 172 50.47 -4.62 -11.42
C THR B 172 49.85 -3.86 -12.57
N PRO B 173 50.57 -2.92 -13.22
CA PRO B 173 49.94 -2.14 -14.22
C PRO B 173 49.57 -3.22 -15.23
N GLU B 174 48.39 -3.10 -15.80
CA GLU B 174 47.98 -4.16 -16.71
C GLU B 174 48.12 -5.49 -15.97
N ASP B 175 47.56 -5.63 -14.77
CA ASP B 175 47.81 -6.90 -14.04
C ASP B 175 47.18 -7.97 -14.92
N ALA B 176 46.00 -7.70 -15.47
CA ALA B 176 45.39 -8.56 -16.50
C ALA B 176 44.90 -7.50 -17.47
N THR B 177 44.90 -7.74 -18.77
CA THR B 177 44.54 -6.60 -19.65
C THR B 177 43.65 -7.09 -20.78
N PRO B 178 42.46 -6.47 -20.96
CA PRO B 178 41.51 -6.94 -21.96
C PRO B 178 41.47 -6.13 -23.25
N GLU B 179 42.27 -5.07 -23.36
CA GLU B 179 42.11 -4.17 -24.54
C GLU B 179 42.89 -4.62 -25.77
N PRO B 180 42.35 -4.46 -26.99
CA PRO B 180 43.12 -4.72 -28.22
C PRO B 180 44.40 -3.91 -28.30
N GLY B 181 44.45 -2.77 -27.61
CA GLY B 181 45.64 -1.97 -27.46
C GLY B 181 45.32 -0.49 -27.59
N GLU B 182 45.64 0.25 -26.53
CA GLU B 182 45.35 1.69 -26.46
C GLU B 182 46.48 2.41 -25.74
N ASP B 183 47.74 2.08 -26.10
CA ASP B 183 48.94 2.57 -25.45
C ASP B 183 48.92 2.21 -23.96
N PRO B 184 49.19 0.93 -23.61
CA PRO B 184 48.82 0.37 -22.29
C PRO B 184 49.25 1.12 -21.03
N ARG B 185 50.05 2.17 -21.15
CA ARG B 185 50.23 3.09 -20.04
C ARG B 185 48.92 3.81 -19.71
N VAL B 186 48.04 3.98 -20.70
CA VAL B 186 46.70 4.50 -20.45
C VAL B 186 45.89 3.50 -19.63
N THR B 187 46.09 2.20 -19.89
CA THR B 187 45.30 1.16 -19.22
C THR B 187 45.57 1.12 -17.73
N ARG B 188 46.82 1.31 -17.32
CA ARG B 188 47.14 1.38 -15.89
C ARG B 188 46.52 2.61 -15.24
N ALA B 189 46.45 3.73 -15.97
CA ALA B 189 45.74 4.90 -15.47
C ALA B 189 44.24 4.61 -15.35
N LYS B 190 43.70 3.81 -16.28
CA LYS B 190 42.31 3.38 -16.17
C LYS B 190 42.11 2.43 -14.98
N TYR B 191 43.02 1.48 -14.81
CA TYR B 191 42.84 0.45 -13.79
C TYR B 191 43.00 1.00 -12.38
N PHE B 192 43.86 2.01 -12.21
CA PHE B 192 44.08 2.58 -10.89
C PHE B 192 42.86 3.34 -10.40
N ILE B 193 42.22 4.09 -11.30
CA ILE B 193 41.01 4.84 -10.93
C ILE B 193 39.86 3.88 -10.65
N ARG B 194 39.75 2.79 -11.42
CA ARG B 194 38.74 1.79 -11.17
C ARG B 194 38.97 1.09 -9.84
N LYS B 195 40.23 0.81 -9.51
CA LYS B 195 40.53 0.10 -8.26
C LYS B 195 40.33 0.97 -7.04
N GLU B 196 40.30 2.29 -7.21
CA GLU B 196 40.08 3.18 -6.08
C GLU B 196 38.63 3.17 -5.60
N PHE B 197 37.71 2.69 -6.43
CA PHE B 197 36.30 2.59 -6.07
C PHE B 197 35.89 1.17 -5.67
N VAL B 198 36.48 0.15 -6.29
CA VAL B 198 36.20 -1.23 -5.91
C VAL B 198 36.74 -1.52 -4.51
N ASP B 199 37.85 -0.88 -4.14
CA ASP B 199 38.39 -1.02 -2.79
C ASP B 199 37.43 -0.44 -1.75
N ILE B 200 36.70 0.61 -2.11
CA ILE B 200 35.64 1.11 -1.25
C ILE B 200 34.48 0.12 -1.19
N SER B 201 34.14 -0.47 -2.34
CA SER B 201 33.01 -1.39 -2.39
C SER B 201 33.28 -2.68 -1.63
N THR B 202 34.50 -3.19 -1.71
CA THR B 202 34.86 -4.41 -1.01
C THR B 202 35.26 -4.19 0.44
N ALA B 203 35.34 -2.93 0.88
CA ALA B 203 35.68 -2.64 2.27
C ALA B 203 34.57 -3.08 3.22
N SER B 204 33.32 -2.82 2.84
CA SER B 204 32.18 -3.20 3.66
C SER B 204 31.01 -3.54 2.76
N GLY B 205 30.08 -4.34 3.29
CA GLY B 205 28.92 -4.76 2.55
C GLY B 205 28.58 -6.24 2.74
N ASP B 206 29.62 -7.04 2.99
CA ASP B 206 29.51 -8.47 3.29
C ASP B 206 28.79 -9.26 2.19
N GLY B 207 28.96 -8.84 0.94
CA GLY B 207 28.39 -9.55 -0.18
C GLY B 207 26.91 -9.31 -0.42
N ARG B 208 26.27 -8.42 0.34
CA ARG B 208 24.85 -8.15 0.14
C ARG B 208 24.60 -7.40 -1.15
N HIS B 209 25.48 -6.46 -1.49
CA HIS B 209 25.36 -5.67 -2.72
C HIS B 209 26.73 -5.59 -3.39
N ILE B 210 26.69 -5.52 -4.73
CA ILE B 210 27.89 -5.65 -5.56
C ILE B 210 27.97 -4.43 -6.48
N CYS B 211 29.16 -3.82 -6.55
CA CYS B 211 29.42 -2.71 -7.45
C CYS B 211 30.00 -3.23 -8.76
N TYR B 212 29.39 -2.82 -9.87
CA TYR B 212 29.85 -3.23 -11.20
C TYR B 212 30.50 -2.05 -11.90
N PRO B 213 31.81 -2.08 -12.14
CA PRO B 213 32.47 -0.95 -12.81
C PRO B 213 32.46 -1.09 -14.33
N HIS B 214 32.32 0.06 -14.99
CA HIS B 214 32.39 0.15 -16.44
C HIS B 214 33.06 1.44 -16.84
N PHE B 215 33.61 1.46 -18.05
CA PHE B 215 34.26 2.63 -18.62
C PHE B 215 33.45 3.14 -19.80
N THR B 216 33.00 4.39 -19.73
CA THR B 216 32.06 4.94 -20.69
C THR B 216 32.58 6.26 -21.24
N CYS B 217 32.09 6.60 -22.43
CA CYS B 217 32.34 7.89 -23.05
C CYS B 217 31.02 8.40 -23.63
N ALA B 218 31.07 9.58 -24.24
CA ALA B 218 29.87 10.15 -24.84
C ALA B 218 29.50 9.43 -26.13
N VAL B 219 30.50 8.94 -26.87
CA VAL B 219 30.24 8.27 -28.14
C VAL B 219 29.76 6.84 -27.94
N ASP B 220 29.88 6.30 -26.73
CA ASP B 220 29.44 4.94 -26.47
C ASP B 220 27.91 4.84 -26.51
N THR B 221 27.41 3.79 -27.15
CA THR B 221 25.98 3.58 -27.30
C THR B 221 25.51 2.26 -26.71
N GLU B 222 26.37 1.55 -25.96
CA GLU B 222 26.03 0.27 -25.36
C GLU B 222 25.74 0.39 -23.87
N ASN B 223 25.35 1.57 -23.41
CA ASN B 223 25.12 1.77 -21.98
C ASN B 223 23.82 1.16 -21.53
N ALA B 224 22.81 1.11 -22.40
CA ALA B 224 21.53 0.52 -22.04
C ALA B 224 21.65 -0.99 -21.86
N ARG B 225 22.53 -1.63 -22.62
CA ARG B 225 22.73 -3.06 -22.49
C ARG B 225 23.50 -3.39 -21.20
N ARG B 226 24.43 -2.52 -20.80
CA ARG B 226 25.22 -2.76 -19.60
C ARG B 226 24.38 -2.73 -18.34
N ILE B 227 23.41 -1.80 -18.28
CA ILE B 227 22.48 -1.79 -17.16
C ILE B 227 21.57 -3.01 -17.20
N PHE B 228 21.16 -3.41 -18.40
CA PHE B 228 20.30 -4.59 -18.55
C PHE B 228 21.01 -5.86 -18.13
N ASN B 229 22.29 -5.99 -18.49
CA ASN B 229 23.06 -7.17 -18.09
C ASN B 229 23.34 -7.16 -16.59
N ASP B 230 23.55 -5.97 -16.01
CA ASP B 230 23.82 -5.90 -14.58
C ASP B 230 22.55 -6.12 -13.76
N CYS B 231 21.42 -5.55 -14.20
CA CYS B 231 20.16 -5.75 -13.48
C CYS B 231 19.69 -7.19 -13.57
N LYS B 232 20.01 -7.88 -14.66
CA LYS B 232 19.74 -9.31 -14.74
C LYS B 232 20.54 -10.08 -13.70
N ASP B 233 21.79 -9.66 -13.47
CA ASP B 233 22.63 -10.30 -12.45
C ASP B 233 22.13 -9.97 -11.05
N ILE B 234 21.64 -8.75 -10.84
CA ILE B 234 21.18 -8.33 -9.51
C ILE B 234 19.95 -9.13 -9.09
N ILE B 235 18.99 -9.28 -10.01
CA ILE B 235 17.79 -10.08 -9.72
C ILE B 235 18.17 -11.55 -9.56
N LEU B 236 19.17 -12.01 -10.30
CA LEU B 236 19.63 -13.39 -10.20
C LEU B 236 20.19 -13.69 -8.81
N GLN B 237 20.95 -12.75 -8.24
CA GLN B 237 21.51 -12.96 -6.90
C GLN B 237 20.43 -13.00 -5.83
N MET B 238 19.41 -12.16 -5.97
CA MET B 238 18.29 -12.20 -5.03
C MET B 238 17.50 -13.50 -5.18
N ASN B 239 17.38 -13.99 -6.41
CA ASN B 239 16.69 -15.27 -6.63
C ASN B 239 17.52 -16.43 -6.13
N LEU B 240 18.85 -16.38 -6.33
CA LEU B 240 19.70 -17.48 -5.87
C LEU B 240 19.83 -17.49 -4.35
N ARG B 241 19.63 -16.35 -3.69
CA ARG B 241 19.79 -16.29 -2.25
C ARG B 241 18.62 -16.93 -1.52
N GLU B 242 17.42 -16.92 -2.11
CA GLU B 242 16.28 -17.57 -1.49
C GLU B 242 16.21 -19.07 -1.76
N TYR B 243 17.10 -19.59 -2.61
CA TYR B 243 17.24 -21.04 -2.80
C TYR B 243 18.54 -21.58 -2.24
N ASN B 244 19.39 -20.72 -1.68
CA ASN B 244 20.71 -21.07 -1.13
C ASN B 244 21.59 -21.76 -2.18
N LEU B 245 21.83 -21.05 -3.28
CA LEU B 245 22.71 -21.53 -4.33
C LEU B 245 23.91 -20.62 -4.56
N VAL B 246 24.01 -19.50 -3.83
CA VAL B 246 25.09 -18.55 -4.04
C VAL B 246 26.28 -18.92 -3.13
N SER C 1 38.21 43.86 11.29
CA SER C 1 36.86 43.98 11.81
C SER C 1 35.84 43.38 10.83
N GLU C 2 34.82 44.16 10.49
CA GLU C 2 33.73 43.78 9.59
C GLU C 2 33.03 42.52 10.05
N LEU C 3 33.42 41.38 9.50
CA LEU C 3 32.82 40.11 9.91
C LEU C 3 33.27 39.72 11.32
N ASP C 4 34.50 40.08 11.69
CA ASP C 4 35.00 39.77 13.03
C ASP C 4 34.25 40.56 14.10
N GLN C 5 33.96 41.83 13.83
CA GLN C 5 33.23 42.64 14.80
C GLN C 5 31.77 42.22 14.86
N LEU C 6 31.19 41.81 13.73
CA LEU C 6 29.79 41.40 13.71
C LEU C 6 29.60 40.04 14.37
N ARG C 7 30.62 39.18 14.33
CA ARG C 7 30.52 37.87 14.98
C ARG C 7 30.56 37.99 16.50
N GLN C 8 31.21 39.05 17.00
CA GLN C 8 31.27 39.24 18.45
C GLN C 8 29.92 39.68 19.00
N GLU C 9 29.15 40.44 18.22
CA GLU C 9 27.83 40.89 18.67
C GLU C 9 26.84 39.73 18.68
N ALA C 10 26.99 38.78 17.76
CA ALA C 10 26.10 37.62 17.72
C ALA C 10 26.34 36.71 18.91
N GLU C 11 27.60 36.59 19.35
CA GLU C 11 27.91 35.75 20.51
C GLU C 11 27.36 36.36 21.80
N GLN C 12 27.44 37.69 21.93
CA GLN C 12 26.88 38.35 23.11
C GLN C 12 25.36 38.28 23.11
N LEU C 13 24.74 38.39 21.94
CA LEU C 13 23.29 38.26 21.84
C LEU C 13 22.84 36.84 22.15
N LYS C 14 23.62 35.84 21.72
CA LYS C 14 23.29 34.45 22.01
C LYS C 14 23.46 34.14 23.49
N ASN C 15 24.45 34.75 24.14
CA ASN C 15 24.65 34.53 25.56
C ASN C 15 23.56 35.19 26.39
N GLN C 16 23.03 36.34 25.92
CA GLN C 16 21.95 37.02 26.63
C GLN C 16 20.66 36.20 26.58
N ILE C 17 20.39 35.56 25.45
CA ILE C 17 19.20 34.73 25.30
C ILE C 17 19.24 33.54 26.26
N ARG C 18 20.40 32.89 26.37
CA ARG C 18 20.54 31.78 27.31
C ARG C 18 20.47 32.28 28.75
N ASP C 19 21.02 33.47 29.02
CA ASP C 19 20.93 34.04 30.36
C ASP C 19 19.50 34.38 30.73
N ALA C 20 18.73 34.92 29.78
CA ALA C 20 17.31 35.18 30.03
C ALA C 20 16.52 33.88 30.09
N ARG C 21 16.98 32.83 29.39
CA ARG C 21 16.30 31.55 29.46
C ARG C 21 16.50 30.88 30.81
N LYS C 22 17.70 31.02 31.39
CA LYS C 22 17.98 30.36 32.66
C LYS C 22 17.28 31.04 33.84
N ALA C 23 16.91 32.32 33.68
CA ALA C 23 16.25 33.05 34.74
C ALA C 23 14.78 32.68 34.90
N CYS C 24 14.21 31.91 33.97
CA CYS C 24 12.81 31.51 34.04
C CYS C 24 12.61 30.08 34.50
N ALA C 25 13.68 29.28 34.57
CA ALA C 25 13.58 27.88 34.98
C ALA C 25 13.71 27.78 36.50
N ASP C 26 12.64 28.20 37.18
CA ASP C 26 12.61 28.12 38.64
C ASP C 26 12.53 26.67 39.11
N ALA C 27 11.72 25.86 38.45
CA ALA C 27 11.56 24.45 38.79
C ALA C 27 11.32 23.64 37.53
N THR C 28 11.59 22.34 37.62
CA THR C 28 11.38 21.46 36.47
C THR C 28 9.90 21.12 36.34
N LEU C 29 9.44 21.04 35.09
CA LEU C 29 8.07 20.62 34.82
C LEU C 29 7.84 19.17 35.27
N SER C 30 8.85 18.32 35.10
CA SER C 30 8.75 16.94 35.61
C SER C 30 8.73 16.92 37.13
N GLN C 31 9.40 17.88 37.77
CA GLN C 31 9.36 17.97 39.23
C GLN C 31 7.98 18.41 39.71
N ILE C 32 7.38 19.39 39.02
CA ILE C 32 6.08 19.92 39.44
C ILE C 32 4.98 18.88 39.19
N THR C 33 5.05 18.16 38.07
CA THR C 33 4.04 17.18 37.72
C THR C 33 4.16 15.88 38.50
N ASN C 34 5.09 15.78 39.44
CA ASN C 34 5.22 14.56 40.25
C ASN C 34 4.29 14.61 41.46
N ASN C 35 3.02 14.92 41.22
CA ASN C 35 2.00 14.88 42.26
C ASN C 35 0.68 14.33 41.79
N ILE C 36 0.54 13.98 40.50
CA ILE C 36 -0.71 13.51 39.95
C ILE C 36 -0.57 12.04 39.59
N ASP C 37 -1.71 11.37 39.48
CA ASP C 37 -1.72 9.94 39.23
C ASP C 37 -1.30 9.65 37.79
N PRO C 38 -0.42 8.66 37.58
CA PRO C 38 -0.10 8.26 36.21
C PRO C 38 -1.29 7.63 35.52
N VAL C 39 -1.27 7.66 34.18
CA VAL C 39 -2.39 7.14 33.40
C VAL C 39 -2.43 5.61 33.44
N GLY C 40 -1.35 4.97 33.87
CA GLY C 40 -1.30 3.53 33.90
C GLY C 40 -0.91 2.94 32.55
N ARG C 41 -1.26 1.68 32.32
CA ARG C 41 -0.94 1.00 31.08
C ARG C 41 -2.04 1.29 30.07
N ILE C 42 -1.70 2.06 29.03
CA ILE C 42 -2.65 2.39 27.97
C ILE C 42 -2.61 1.22 26.98
N GLN C 43 -3.76 0.55 26.83
CA GLN C 43 -3.86 -0.62 25.97
C GLN C 43 -4.79 -0.28 24.80
N MET C 44 -4.21 -0.08 23.63
CA MET C 44 -4.94 0.21 22.41
C MET C 44 -4.79 -0.95 21.45
N ARG C 45 -5.90 -1.38 20.86
CA ARG C 45 -5.92 -2.54 19.98
C ARG C 45 -6.33 -2.11 18.58
N THR C 46 -5.87 -2.88 17.59
CA THR C 46 -6.27 -2.64 16.21
C THR C 46 -7.75 -2.94 16.03
N ARG C 47 -8.46 -2.04 15.37
CA ARG C 47 -9.89 -2.21 15.13
C ARG C 47 -10.19 -2.66 13.70
N ARG C 48 -9.54 -2.06 12.71
CA ARG C 48 -9.65 -2.52 11.34
C ARG C 48 -8.42 -2.09 10.57
N THR C 49 -8.13 -2.81 9.49
CA THR C 49 -6.97 -2.57 8.65
C THR C 49 -7.41 -2.10 7.27
N LEU C 50 -6.86 -0.98 6.82
CA LEU C 50 -7.17 -0.43 5.50
C LEU C 50 -6.14 -0.97 4.51
N ARG C 51 -6.57 -1.92 3.69
CA ARG C 51 -5.67 -2.55 2.71
C ARG C 51 -6.03 -2.05 1.32
N GLY C 52 -5.10 -2.02 0.40
CA GLY C 52 -5.30 -1.53 -0.95
C GLY C 52 -4.11 -0.78 -1.51
N HIS C 53 -3.21 -0.37 -0.62
CA HIS C 53 -1.96 0.25 -1.04
C HIS C 53 -0.93 -0.84 -1.35
N LEU C 54 -0.12 -0.59 -2.38
CA LEU C 54 0.84 -1.57 -2.86
C LEU C 54 2.29 -1.10 -2.73
N ALA C 55 2.53 -0.05 -1.95
CA ALA C 55 3.86 0.47 -1.74
C ALA C 55 3.91 1.11 -0.35
N LYS C 56 5.07 1.67 -0.02
CA LYS C 56 5.26 2.26 1.29
C LYS C 56 4.40 3.52 1.45
N ILE C 57 3.61 3.55 2.52
CA ILE C 57 2.79 4.72 2.82
C ILE C 57 3.69 5.77 3.48
N TYR C 58 3.75 6.95 2.89
CA TYR C 58 4.60 8.01 3.40
C TYR C 58 3.84 9.12 4.12
N ALA C 59 2.54 9.28 3.84
CA ALA C 59 1.78 10.35 4.47
C ALA C 59 0.34 9.90 4.66
N MET C 60 -0.33 10.45 5.66
CA MET C 60 -1.75 10.19 5.95
C MET C 60 -2.27 11.42 6.70
N HIS C 61 -3.44 11.95 6.36
CA HIS C 61 -4.08 13.03 7.10
C HIS C 61 -5.53 12.70 7.38
N TRP C 62 -5.98 12.98 8.60
CA TRP C 62 -7.39 12.86 8.94
C TRP C 62 -8.20 14.00 8.31
N GLY C 63 -9.47 13.74 8.06
CA GLY C 63 -10.39 14.79 7.72
C GLY C 63 -10.97 15.46 8.96
N THR C 64 -11.71 16.54 8.72
CA THR C 64 -12.37 17.27 9.80
C THR C 64 -13.46 16.45 10.48
N ASP C 65 -14.26 15.71 9.71
CA ASP C 65 -15.35 14.92 10.24
C ASP C 65 -14.88 13.65 10.96
N SER C 66 -13.59 13.36 10.93
CA SER C 66 -12.95 12.22 11.61
C SER C 66 -13.49 10.88 11.12
N ARG C 67 -13.93 10.84 9.88
CA ARG C 67 -14.36 9.62 9.20
C ARG C 67 -13.63 9.42 7.89
N LEU C 68 -13.31 10.49 7.18
CA LEU C 68 -12.55 10.44 5.94
C LEU C 68 -11.07 10.69 6.23
N LEU C 69 -10.21 9.91 5.59
CA LEU C 69 -8.78 10.13 5.68
C LEU C 69 -8.16 9.87 4.31
N VAL C 70 -7.12 10.62 4.00
CA VAL C 70 -6.40 10.51 2.73
C VAL C 70 -5.00 9.99 3.02
N SER C 71 -4.55 9.01 2.24
CA SER C 71 -3.24 8.40 2.41
C SER C 71 -2.45 8.51 1.13
N ALA C 72 -1.15 8.77 1.27
CA ALA C 72 -0.23 8.90 0.16
C ALA C 72 0.79 7.78 0.22
N SER C 73 0.99 7.10 -0.90
CA SER C 73 1.93 5.99 -1.00
C SER C 73 2.83 6.18 -2.21
N GLN C 74 3.80 5.28 -2.34
CA GLN C 74 4.77 5.36 -3.44
C GLN C 74 4.26 4.73 -4.72
N ASP C 75 3.04 4.20 -4.73
CA ASP C 75 2.43 3.67 -5.94
C ASP C 75 1.76 4.74 -6.79
N GLY C 76 1.94 6.01 -6.45
CA GLY C 76 1.32 7.10 -7.17
C GLY C 76 -0.17 7.18 -7.03
N LYS C 77 -0.69 6.88 -5.83
CA LYS C 77 -2.13 6.86 -5.59
C LYS C 77 -2.46 7.63 -4.33
N LEU C 78 -3.50 8.44 -4.41
CA LEU C 78 -4.14 9.06 -3.25
C LEU C 78 -5.47 8.37 -3.03
N ILE C 79 -5.65 7.74 -1.88
CA ILE C 79 -6.86 6.99 -1.57
C ILE C 79 -7.56 7.67 -0.42
N ILE C 80 -8.82 8.05 -0.64
CA ILE C 80 -9.67 8.58 0.41
C ILE C 80 -10.45 7.42 1.01
N TRP C 81 -10.37 7.27 2.32
CA TRP C 81 -10.92 6.12 3.03
C TRP C 81 -12.18 6.50 3.79
N ASP C 82 -13.14 5.59 3.80
CA ASP C 82 -14.24 5.64 4.75
C ASP C 82 -13.83 4.76 5.93
N SER C 83 -13.29 5.38 6.97
CA SER C 83 -12.69 4.64 8.08
C SER C 83 -13.71 3.86 8.89
N TYR C 84 -14.99 4.21 8.80
CA TYR C 84 -16.00 3.47 9.55
C TYR C 84 -16.29 2.12 8.92
N THR C 85 -16.38 2.08 7.58
CA THR C 85 -16.78 0.87 6.87
C THR C 85 -15.71 0.32 5.94
N THR C 86 -14.47 0.82 6.02
CA THR C 86 -13.28 0.37 5.30
C THR C 86 -13.33 0.75 3.81
N ASN C 87 -14.48 1.22 3.33
CA ASN C 87 -14.71 1.47 1.90
C ASN C 87 -13.82 2.59 1.37
N LYS C 88 -13.37 2.43 0.13
CA LYS C 88 -12.56 3.43 -0.55
C LYS C 88 -13.50 4.40 -1.27
N VAL C 89 -13.45 5.67 -0.87
CA VAL C 89 -14.31 6.67 -1.50
C VAL C 89 -13.73 7.14 -2.83
N HIS C 90 -12.40 7.27 -2.89
CA HIS C 90 -11.75 7.78 -4.09
C HIS C 90 -10.40 7.11 -4.26
N ALA C 91 -9.93 7.09 -5.51
CA ALA C 91 -8.58 6.64 -5.84
C ALA C 91 -8.04 7.64 -6.86
N ILE C 92 -7.19 8.55 -6.40
CA ILE C 92 -6.71 9.67 -7.23
C ILE C 92 -5.33 9.29 -7.76
N PRO C 93 -5.18 9.06 -9.07
CA PRO C 93 -3.84 8.87 -9.62
C PRO C 93 -3.03 10.16 -9.57
N LEU C 94 -1.72 9.99 -9.40
CA LEU C 94 -0.81 11.12 -9.25
C LEU C 94 0.17 11.15 -10.41
N ARG C 95 0.52 12.37 -10.84
CA ARG C 95 1.49 12.53 -11.92
C ARG C 95 2.90 12.12 -11.50
N SER C 96 3.19 12.16 -10.21
CA SER C 96 4.49 11.73 -9.68
C SER C 96 4.27 10.67 -8.63
N SER C 97 5.11 9.63 -8.66
CA SER C 97 5.01 8.54 -7.70
C SER C 97 5.79 8.82 -6.42
N TRP C 98 6.48 9.96 -6.32
CA TRP C 98 7.32 10.28 -5.18
C TRP C 98 6.64 11.41 -4.39
N VAL C 99 5.78 11.02 -3.46
CA VAL C 99 5.10 11.95 -2.59
C VAL C 99 5.56 11.72 -1.16
N MET C 100 5.91 12.80 -0.47
CA MET C 100 6.32 12.75 0.92
C MET C 100 5.31 13.37 1.87
N THR C 101 4.27 14.01 1.35
CA THR C 101 3.28 14.66 2.19
C THR C 101 1.92 14.61 1.51
N CYS C 102 0.88 14.69 2.33
CA CYS C 102 -0.48 14.79 1.86
C CYS C 102 -1.29 15.56 2.89
N ALA C 103 -2.38 16.17 2.44
CA ALA C 103 -3.19 17.03 3.31
C ALA C 103 -4.66 16.91 2.94
N TYR C 104 -5.50 17.22 3.90
CA TYR C 104 -6.96 17.25 3.69
C TYR C 104 -7.44 18.63 4.11
N ALA C 105 -8.22 19.31 3.28
CA ALA C 105 -8.76 20.62 3.58
C ALA C 105 -9.77 20.52 4.72
N PRO C 106 -9.87 21.55 5.57
CA PRO C 106 -10.89 21.51 6.63
C PRO C 106 -12.31 21.44 6.12
N SER C 107 -12.59 22.04 4.96
CA SER C 107 -13.91 21.95 4.37
C SER C 107 -14.17 20.56 3.78
N GLY C 108 -13.13 19.87 3.33
CA GLY C 108 -13.26 18.57 2.71
C GLY C 108 -13.38 18.58 1.21
N ASN C 109 -13.37 19.76 0.57
CA ASN C 109 -13.51 19.85 -0.87
C ASN C 109 -12.20 19.66 -1.61
N TYR C 110 -11.06 19.66 -0.91
CA TYR C 110 -9.76 19.62 -1.55
C TYR C 110 -8.82 18.71 -0.76
N VAL C 111 -7.87 18.11 -1.49
CA VAL C 111 -6.76 17.39 -0.90
C VAL C 111 -5.48 17.88 -1.59
N ALA C 112 -4.36 17.72 -0.91
CA ALA C 112 -3.07 18.15 -1.42
C ALA C 112 -2.07 17.02 -1.33
N CYS C 113 -1.01 17.12 -2.14
CA CYS C 113 0.08 16.18 -2.11
C CYS C 113 1.33 16.86 -2.67
N GLY C 114 2.49 16.33 -2.30
CA GLY C 114 3.74 16.90 -2.76
C GLY C 114 4.89 15.99 -2.40
N GLY C 115 6.03 16.25 -3.04
CA GLY C 115 7.20 15.42 -2.85
C GLY C 115 8.42 15.89 -3.61
N LEU C 116 9.09 14.95 -4.29
CA LEU C 116 10.33 15.26 -5.00
C LEU C 116 10.12 16.09 -6.26
N ASP C 117 8.87 16.27 -6.70
CA ASP C 117 8.59 17.11 -7.86
C ASP C 117 8.54 18.60 -7.52
N ASN C 118 8.64 18.94 -6.22
CA ASN C 118 8.66 20.32 -5.73
C ASN C 118 7.38 21.08 -6.08
N ILE C 119 6.26 20.37 -6.24
CA ILE C 119 4.99 20.97 -6.62
C ILE C 119 3.92 20.49 -5.65
N CYS C 120 3.16 21.44 -5.09
CA CYS C 120 1.99 21.12 -4.28
C CYS C 120 0.78 21.06 -5.20
N SER C 121 0.36 19.84 -5.53
CA SER C 121 -0.81 19.64 -6.39
C SER C 121 -2.06 19.57 -5.52
N ILE C 122 -3.08 20.34 -5.88
CA ILE C 122 -4.32 20.43 -5.13
C ILE C 122 -5.44 19.85 -5.99
N TYR C 123 -6.14 18.86 -5.46
CA TYR C 123 -7.14 18.11 -6.20
C TYR C 123 -8.53 18.49 -5.70
N ASN C 124 -9.44 18.72 -6.63
CA ASN C 124 -10.82 19.07 -6.29
C ASN C 124 -11.65 17.79 -6.23
N LEU C 125 -12.33 17.58 -5.09
CA LEU C 125 -13.12 16.37 -4.89
C LEU C 125 -14.59 16.59 -5.19
N LYS C 126 -15.21 17.59 -4.56
CA LYS C 126 -16.64 17.82 -4.70
C LYS C 126 -16.88 18.72 -5.91
N THR C 127 -16.84 18.11 -7.09
CA THR C 127 -17.08 18.77 -8.36
C THR C 127 -18.33 18.18 -8.99
N ARG C 128 -18.63 18.63 -10.20
CA ARG C 128 -19.53 17.91 -11.08
C ARG C 128 -18.72 16.83 -11.81
N GLU C 129 -19.34 16.18 -12.80
CA GLU C 129 -18.76 15.18 -13.68
C GLU C 129 -18.38 13.88 -12.97
N GLY C 130 -18.52 13.80 -11.64
CA GLY C 130 -18.26 12.57 -10.91
C GLY C 130 -16.82 12.08 -10.95
N ASN C 131 -15.85 12.99 -10.88
CA ASN C 131 -14.45 12.59 -10.90
C ASN C 131 -13.63 13.62 -10.14
N VAL C 132 -12.43 13.21 -9.74
CA VAL C 132 -11.49 14.07 -9.04
C VAL C 132 -10.49 14.62 -10.05
N ARG C 133 -10.36 15.94 -10.09
CA ARG C 133 -9.49 16.62 -11.03
C ARG C 133 -8.54 17.54 -10.28
N VAL C 134 -7.32 17.66 -10.79
CA VAL C 134 -6.36 18.61 -10.22
C VAL C 134 -6.77 20.03 -10.59
N SER C 135 -6.84 20.90 -9.58
CA SER C 135 -7.29 22.27 -9.79
C SER C 135 -6.17 23.30 -9.70
N ARG C 136 -5.04 22.96 -9.08
CA ARG C 136 -3.95 23.90 -8.93
C ARG C 136 -2.65 23.14 -8.73
N GLU C 137 -1.60 23.57 -9.44
CA GLU C 137 -0.25 23.05 -9.26
C GLU C 137 0.64 24.23 -8.86
N LEU C 138 1.04 24.25 -7.59
CA LEU C 138 1.80 25.37 -7.04
C LEU C 138 3.29 25.11 -7.23
N ALA C 139 3.95 25.99 -7.97
CA ALA C 139 5.37 25.88 -8.26
C ALA C 139 6.11 27.12 -7.77
N GLY C 140 7.38 26.95 -7.45
CA GLY C 140 8.19 28.03 -6.95
C GLY C 140 9.19 27.58 -5.91
N HIS C 141 8.93 26.43 -5.30
CA HIS C 141 9.89 25.84 -4.37
C HIS C 141 11.04 25.20 -5.13
N THR C 142 12.23 25.28 -4.54
CA THR C 142 13.42 24.69 -5.14
C THR C 142 13.66 23.27 -4.67
N GLY C 143 13.51 23.02 -3.36
CA GLY C 143 13.69 21.70 -2.82
C GLY C 143 12.41 20.89 -2.79
N TYR C 144 12.54 19.65 -2.31
CA TYR C 144 11.42 18.73 -2.23
C TYR C 144 10.45 19.16 -1.13
N LEU C 145 9.16 19.04 -1.41
CA LEU C 145 8.14 19.37 -0.43
C LEU C 145 8.08 18.29 0.64
N SER C 146 8.20 18.69 1.90
CA SER C 146 8.16 17.77 3.02
C SER C 146 6.84 17.78 3.77
N CYS C 147 6.13 18.91 3.79
CA CYS C 147 4.86 19.01 4.49
C CYS C 147 4.02 20.10 3.86
N CYS C 148 2.71 19.97 4.02
CA CYS C 148 1.77 20.98 3.53
C CYS C 148 0.49 20.90 4.37
N ARG C 149 -0.03 22.06 4.74
CA ARG C 149 -1.24 22.15 5.55
C ARG C 149 -2.14 23.23 4.99
N PHE C 150 -3.44 22.96 5.01
CA PHE C 150 -4.44 23.89 4.48
C PHE C 150 -4.87 24.87 5.57
N LEU C 151 -4.62 26.16 5.34
CA LEU C 151 -5.23 27.19 6.19
C LEU C 151 -6.72 27.30 5.91
N ASP C 152 -7.09 27.34 4.64
CA ASP C 152 -8.48 27.42 4.20
C ASP C 152 -8.53 26.89 2.78
N ASP C 153 -9.64 27.14 2.09
CA ASP C 153 -9.78 26.69 0.70
C ASP C 153 -8.91 27.47 -0.26
N ASN C 154 -8.37 28.62 0.14
CA ASN C 154 -7.55 29.44 -0.73
C ASN C 154 -6.15 29.72 -0.19
N GLN C 155 -5.78 29.15 0.96
CA GLN C 155 -4.47 29.37 1.55
C GLN C 155 -3.88 28.05 2.00
N ILE C 156 -2.58 27.87 1.73
CA ILE C 156 -1.86 26.65 2.08
C ILE C 156 -0.41 27.02 2.36
N VAL C 157 0.17 26.38 3.37
CA VAL C 157 1.56 26.61 3.75
C VAL C 157 2.36 25.35 3.47
N THR C 158 3.50 25.51 2.81
CA THR C 158 4.31 24.37 2.41
C THR C 158 5.66 24.40 3.11
N SER C 159 6.16 23.22 3.44
CA SER C 159 7.51 23.01 3.93
C SER C 159 8.32 22.36 2.82
N SER C 160 9.59 22.74 2.70
CA SER C 160 10.37 22.30 1.56
C SER C 160 11.84 22.11 1.94
N GLY C 161 12.56 21.42 1.05
CA GLY C 161 13.98 21.19 1.13
C GLY C 161 14.84 22.29 0.54
N ASP C 162 14.27 23.46 0.25
CA ASP C 162 15.04 24.64 -0.06
C ASP C 162 15.24 25.53 1.16
N THR C 163 15.13 24.94 2.37
CA THR C 163 15.40 25.57 3.67
C THR C 163 14.41 26.73 3.93
N THR C 164 13.29 26.75 3.20
CA THR C 164 12.32 27.83 3.32
C THR C 164 10.92 27.25 3.48
N CYS C 165 10.03 28.10 3.98
CA CYS C 165 8.60 27.82 4.03
C CYS C 165 7.87 28.91 3.26
N ALA C 166 6.70 28.56 2.73
CA ALA C 166 5.97 29.44 1.84
C ALA C 166 4.50 29.50 2.23
N LEU C 167 3.85 30.57 1.80
CA LEU C 167 2.42 30.76 1.94
C LEU C 167 1.84 31.07 0.56
N TRP C 168 0.77 30.38 0.19
CA TRP C 168 0.26 30.43 -1.18
C TRP C 168 -1.19 30.93 -1.19
N ASP C 169 -1.52 31.67 -2.23
CA ASP C 169 -2.91 31.96 -2.60
C ASP C 169 -3.25 31.03 -3.75
N ILE C 170 -4.15 30.08 -3.51
CA ILE C 170 -4.39 28.99 -4.46
C ILE C 170 -5.06 29.50 -5.73
N GLU C 171 -5.99 30.45 -5.60
CA GLU C 171 -6.67 31.01 -6.76
C GLU C 171 -5.69 31.74 -7.67
N THR C 172 -4.80 32.56 -7.08
CA THR C 172 -3.78 33.24 -7.88
C THR C 172 -2.64 32.30 -8.25
N GLY C 173 -2.35 31.30 -7.42
CA GLY C 173 -1.22 30.42 -7.65
C GLY C 173 0.12 30.99 -7.26
N GLN C 174 0.15 32.13 -6.58
CA GLN C 174 1.38 32.83 -6.28
C GLN C 174 1.78 32.63 -4.82
N GLN C 175 3.07 32.86 -4.54
CA GLN C 175 3.62 32.73 -3.20
C GLN C 175 3.44 34.06 -2.48
N THR C 176 2.50 34.08 -1.52
CA THR C 176 2.19 35.32 -0.81
C THR C 176 3.34 35.73 0.12
N THR C 177 3.84 34.80 0.91
CA THR C 177 4.91 35.09 1.86
C THR C 177 5.92 33.95 1.84
N THR C 178 7.20 34.30 1.92
CA THR C 178 8.29 33.34 1.97
C THR C 178 8.97 33.43 3.32
N PHE C 179 9.13 32.30 4.00
CA PHE C 179 9.67 32.24 5.35
C PHE C 179 11.11 31.73 5.28
N THR C 180 12.06 32.60 5.58
CA THR C 180 13.48 32.26 5.55
C THR C 180 14.08 32.46 6.94
N GLY C 181 15.16 31.72 7.20
CA GLY C 181 15.86 31.83 8.47
C GLY C 181 16.48 30.54 8.95
N HIS C 182 16.02 29.41 8.42
CA HIS C 182 16.58 28.12 8.78
C HIS C 182 17.95 27.94 8.13
N THR C 183 18.70 26.98 8.67
CA THR C 183 19.96 26.55 8.06
C THR C 183 19.79 25.25 7.27
N GLY C 184 19.11 24.26 7.86
CA GLY C 184 19.00 22.94 7.29
C GLY C 184 17.70 22.69 6.57
N ASP C 185 17.56 21.43 6.14
CA ASP C 185 16.37 21.02 5.40
C ASP C 185 15.17 20.90 6.32
N VAL C 186 14.07 21.53 5.95
CA VAL C 186 12.87 21.57 6.80
C VAL C 186 12.05 20.32 6.53
N MET C 187 11.82 19.53 7.58
CA MET C 187 11.19 18.22 7.46
C MET C 187 9.70 18.20 7.77
N SER C 188 9.23 19.03 8.69
CA SER C 188 7.83 18.94 9.10
C SER C 188 7.32 20.31 9.49
N LEU C 189 6.02 20.36 9.77
CA LEU C 189 5.31 21.62 9.87
C LEU C 189 3.98 21.37 10.56
N SER C 190 3.67 22.18 11.58
CA SER C 190 2.42 22.06 12.32
C SER C 190 1.78 23.44 12.45
N LEU C 191 0.45 23.46 12.49
CA LEU C 191 -0.31 24.69 12.50
C LEU C 191 -1.00 24.88 13.84
N ALA C 192 -0.99 26.12 14.33
CA ALA C 192 -1.74 26.44 15.54
C ALA C 192 -3.24 26.38 15.24
N PRO C 193 -4.05 26.07 16.27
CA PRO C 193 -5.51 26.04 16.05
C PRO C 193 -6.09 27.38 15.64
N ASP C 194 -5.51 28.50 16.07
CA ASP C 194 -5.99 29.82 15.68
C ASP C 194 -5.42 30.31 14.37
N THR C 195 -4.52 29.53 13.74
CA THR C 195 -3.98 29.68 12.39
C THR C 195 -2.98 30.85 12.29
N ARG C 196 -2.92 31.73 13.30
CA ARG C 196 -2.09 32.92 13.22
C ARG C 196 -0.60 32.62 13.35
N LEU C 197 -0.22 31.43 13.80
CA LEU C 197 1.18 31.04 13.88
C LEU C 197 1.33 29.60 13.43
N PHE C 198 2.56 29.25 13.04
CA PHE C 198 2.90 27.87 12.77
C PHE C 198 4.37 27.65 13.10
N VAL C 199 4.72 26.39 13.35
CA VAL C 199 6.08 26.02 13.73
C VAL C 199 6.59 24.98 12.74
N SER C 200 7.91 24.97 12.55
CA SER C 200 8.57 24.08 11.62
C SER C 200 9.86 23.56 12.24
N GLY C 201 10.11 22.26 12.07
CA GLY C 201 11.33 21.64 12.53
C GLY C 201 12.18 21.20 11.34
N ALA C 202 13.46 21.56 11.38
CA ALA C 202 14.35 21.38 10.25
C ALA C 202 15.50 20.46 10.60
N CYS C 203 16.39 20.28 9.61
CA CYS C 203 17.54 19.40 9.76
C CYS C 203 18.70 20.06 10.50
N ASP C 204 18.60 21.34 10.82
CA ASP C 204 19.65 22.03 11.57
C ASP C 204 19.48 21.87 13.08
N ALA C 205 18.70 20.88 13.52
CA ALA C 205 18.38 20.64 14.93
C ALA C 205 17.76 21.87 15.58
N SER C 206 16.91 22.57 14.84
CA SER C 206 16.29 23.79 15.31
C SER C 206 14.82 23.82 14.92
N ALA C 207 14.02 24.45 15.76
CA ALA C 207 12.60 24.67 15.50
C ALA C 207 12.31 26.16 15.59
N LYS C 208 11.53 26.67 14.65
CA LYS C 208 11.27 28.09 14.54
C LYS C 208 9.77 28.36 14.48
N LEU C 209 9.31 29.31 15.28
CA LEU C 209 7.93 29.78 15.24
C LEU C 209 7.83 30.95 14.27
N TRP C 210 6.79 30.95 13.45
CA TRP C 210 6.62 31.94 12.40
C TRP C 210 5.25 32.61 12.53
N ASP C 211 5.19 33.87 12.10
CA ASP C 211 3.93 34.61 12.01
C ASP C 211 3.46 34.59 10.57
N VAL C 212 2.25 34.05 10.33
CA VAL C 212 1.75 33.88 8.97
C VAL C 212 1.41 35.23 8.35
N ARG C 213 0.99 36.20 9.17
CA ARG C 213 0.56 37.50 8.67
C ARG C 213 1.69 38.51 8.60
N GLU C 214 2.89 38.16 9.05
CA GLU C 214 4.02 39.08 9.04
C GLU C 214 5.21 38.55 8.27
N GLY C 215 5.52 37.25 8.39
CA GLY C 215 6.62 36.66 7.66
C GLY C 215 7.95 36.62 8.41
N MET C 216 7.95 36.88 9.70
CA MET C 216 9.17 36.96 10.49
C MET C 216 9.24 35.81 11.49
N CYS C 217 10.46 35.36 11.76
CA CYS C 217 10.70 34.28 12.71
C CYS C 217 10.57 34.84 14.13
N ARG C 218 9.50 34.44 14.83
CA ARG C 218 9.24 34.97 16.16
C ARG C 218 10.19 34.37 17.20
N GLN C 219 10.43 33.06 17.13
CA GLN C 219 11.23 32.38 18.13
C GLN C 219 12.05 31.28 17.46
N THR C 220 13.13 30.89 18.12
CA THR C 220 13.99 29.80 17.66
C THR C 220 14.34 28.91 18.84
N PHE C 221 14.27 27.60 18.62
CA PHE C 221 14.45 26.61 19.67
C PHE C 221 15.55 25.64 19.27
N THR C 222 16.58 25.53 20.11
CA THR C 222 17.74 24.67 19.81
C THR C 222 18.04 23.82 21.04
N GLY C 223 17.63 22.56 20.99
CA GLY C 223 17.96 21.62 22.05
C GLY C 223 18.26 20.22 21.56
N HIS C 224 18.19 20.00 20.26
CA HIS C 224 18.37 18.68 19.67
C HIS C 224 19.80 18.52 19.16
N GLU C 225 20.15 17.27 18.88
CA GLU C 225 21.47 16.92 18.38
C GLU C 225 21.46 16.31 16.99
N SER C 226 20.30 16.18 16.36
CA SER C 226 20.19 15.53 15.07
C SER C 226 19.02 16.15 14.31
N ASP C 227 18.62 15.48 13.22
CA ASP C 227 17.59 16.02 12.35
C ASP C 227 16.22 15.90 13.01
N ILE C 228 15.47 17.01 13.02
CA ILE C 228 14.12 17.03 13.57
C ILE C 228 13.17 16.61 12.44
N ASN C 229 12.58 15.43 12.57
CA ASN C 229 11.77 14.85 11.51
C ASN C 229 10.29 15.21 11.63
N ALA C 230 9.81 15.45 12.84
CA ALA C 230 8.39 15.66 13.07
C ALA C 230 8.17 16.78 14.07
N ILE C 231 7.04 17.47 13.94
CA ILE C 231 6.65 18.51 14.88
C ILE C 231 5.13 18.49 14.96
N CYS C 232 4.56 18.88 16.09
CA CYS C 232 3.11 18.95 16.35
C CYS C 232 2.86 20.05 17.34
N PHE C 233 1.62 20.43 17.49
CA PHE C 233 1.27 21.49 18.45
C PHE C 233 0.34 20.97 19.56
N PHE C 234 0.72 21.27 20.80
CA PHE C 234 -0.19 20.99 21.94
C PHE C 234 -1.52 21.73 21.71
N PRO C 235 -2.68 21.07 21.91
CA PRO C 235 -4.03 21.64 21.72
C PRO C 235 -4.23 22.99 22.40
N ASN C 236 -3.41 23.33 23.39
CA ASN C 236 -3.47 24.68 23.97
C ASN C 236 -3.02 25.74 22.98
N GLY C 237 -2.09 25.40 22.08
CA GLY C 237 -1.57 26.35 21.13
C GLY C 237 -0.35 27.13 21.58
N ASN C 238 0.09 26.95 22.83
CA ASN C 238 1.26 27.63 23.34
C ASN C 238 2.42 26.66 23.63
N ALA C 239 2.38 25.46 23.06
CA ALA C 239 3.47 24.50 23.22
C ALA C 239 3.51 23.61 21.99
N PHE C 240 4.66 22.98 21.76
CA PHE C 240 4.81 22.06 20.66
C PHE C 240 5.84 21.00 21.02
N ALA C 241 5.77 19.88 20.32
CA ALA C 241 6.64 18.73 20.55
C ALA C 241 7.37 18.36 19.26
N THR C 242 8.65 17.99 19.40
CA THR C 242 9.49 17.66 18.27
C THR C 242 9.98 16.22 18.39
N GLY C 243 9.99 15.50 17.27
CA GLY C 243 10.60 14.19 17.17
C GLY C 243 11.83 14.27 16.29
N SER C 244 12.90 13.60 16.70
CA SER C 244 14.20 13.74 16.04
C SER C 244 14.84 12.37 15.81
N ASP C 245 15.93 12.40 15.04
CA ASP C 245 16.70 11.19 14.72
C ASP C 245 17.56 10.71 15.88
N ASP C 246 17.72 11.50 16.95
CA ASP C 246 18.55 11.12 18.07
C ASP C 246 17.81 10.30 19.12
N ALA C 247 16.71 9.64 18.74
CA ALA C 247 15.90 8.79 19.62
C ALA C 247 15.39 9.57 20.84
N THR C 248 14.92 10.79 20.59
CA THR C 248 14.54 11.68 21.67
C THR C 248 13.43 12.61 21.20
N CYS C 249 12.33 12.62 21.95
CA CYS C 249 11.27 13.60 21.78
C CYS C 249 11.43 14.68 22.85
N ARG C 250 11.15 15.93 22.48
CA ARG C 250 11.24 17.04 23.40
C ARG C 250 10.02 17.95 23.26
N LEU C 251 9.62 18.54 24.37
CA LEU C 251 8.49 19.46 24.41
C LEU C 251 9.00 20.86 24.71
N PHE C 252 8.60 21.83 23.87
CA PHE C 252 8.98 23.22 24.05
C PHE C 252 7.74 24.05 24.38
N ASP C 253 7.96 25.17 25.04
CA ASP C 253 6.90 26.12 25.35
C ASP C 253 7.22 27.46 24.69
N LEU C 254 6.19 28.08 24.11
CA LEU C 254 6.39 29.34 23.40
C LEU C 254 6.68 30.49 24.36
N ARG C 255 5.90 30.59 25.43
CA ARG C 255 6.04 31.72 26.35
C ARG C 255 7.27 31.57 27.25
N ALA C 256 7.56 30.34 27.68
CA ALA C 256 8.77 30.10 28.45
C ALA C 256 10.01 30.17 27.58
N ASP C 257 9.87 29.81 26.30
CA ASP C 257 10.92 29.91 25.27
C ASP C 257 12.15 29.08 25.66
N GLN C 258 11.90 27.84 26.09
CA GLN C 258 12.95 26.87 26.36
C GLN C 258 12.33 25.48 26.41
N GLU C 259 13.21 24.48 26.48
CA GLU C 259 12.77 23.09 26.51
C GLU C 259 12.12 22.76 27.87
N LEU C 260 11.12 21.88 27.83
CA LEU C 260 10.32 21.58 29.01
C LEU C 260 10.43 20.13 29.45
N MET C 261 10.23 19.17 28.55
CA MET C 261 10.47 17.75 28.84
C MET C 261 11.37 17.14 27.78
N THR C 262 11.99 16.02 28.16
CA THR C 262 12.80 15.20 27.27
C THR C 262 12.34 13.77 27.40
N TYR C 263 11.79 13.22 26.31
CA TYR C 263 11.28 11.85 26.29
C TYR C 263 12.37 10.95 25.69
N SER C 264 12.99 10.14 26.53
CA SER C 264 14.09 9.28 26.10
C SER C 264 14.04 7.97 26.87
N HIS C 265 14.72 6.97 26.32
CA HIS C 265 14.82 5.66 26.96
C HIS C 265 16.11 4.99 26.50
N ASP C 266 16.64 4.10 27.35
CA ASP C 266 17.91 3.45 27.04
C ASP C 266 17.77 2.40 25.95
N ASN C 267 16.61 1.75 25.86
CA ASN C 267 16.38 0.71 24.85
C ASN C 267 15.85 1.26 23.54
N ILE C 268 15.72 2.58 23.42
CA ILE C 268 15.28 3.23 22.19
C ILE C 268 16.50 3.87 21.54
N ILE C 269 16.85 3.41 20.34
CA ILE C 269 18.02 3.92 19.62
C ILE C 269 17.53 4.56 18.33
N CYS C 270 16.42 4.06 17.81
CA CYS C 270 15.88 4.54 16.54
C CYS C 270 15.21 5.90 16.70
N GLY C 271 15.23 6.68 15.62
CA GLY C 271 14.65 8.01 15.64
C GLY C 271 13.14 8.00 15.52
N ILE C 272 12.57 9.20 15.57
CA ILE C 272 11.13 9.41 15.54
C ILE C 272 10.74 9.89 14.14
N THR C 273 9.77 9.20 13.53
CA THR C 273 9.29 9.57 12.20
C THR C 273 8.08 10.48 12.23
N SER C 274 7.18 10.31 13.20
CA SER C 274 5.99 11.15 13.30
C SER C 274 5.62 11.33 14.76
N VAL C 275 4.97 12.44 15.06
CA VAL C 275 4.44 12.72 16.39
C VAL C 275 3.00 13.20 16.25
N SER C 276 2.22 12.98 17.31
CA SER C 276 0.85 13.45 17.38
C SER C 276 0.41 13.47 18.84
N PHE C 277 -0.38 14.48 19.19
CA PHE C 277 -0.92 14.60 20.54
C PHE C 277 -2.33 13.99 20.60
N SER C 278 -2.94 14.07 21.76
CA SER C 278 -4.30 13.60 21.98
C SER C 278 -5.24 14.81 22.06
N LYS C 279 -6.50 14.51 22.39
CA LYS C 279 -7.50 15.57 22.52
C LYS C 279 -7.19 16.50 23.68
N SER C 280 -6.78 15.93 24.82
CA SER C 280 -6.44 16.71 26.00
C SER C 280 -4.96 17.07 26.08
N GLY C 281 -4.11 16.43 25.27
CA GLY C 281 -2.69 16.70 25.30
C GLY C 281 -1.92 15.94 26.35
N ARG C 282 -2.56 15.04 27.09
CA ARG C 282 -1.84 14.27 28.11
C ARG C 282 -1.01 13.17 27.47
N LEU C 283 -1.50 12.58 26.38
CA LEU C 283 -0.79 11.52 25.67
C LEU C 283 -0.07 12.09 24.46
N LEU C 284 1.19 11.70 24.30
CA LEU C 284 2.01 12.06 23.14
C LEU C 284 2.36 10.77 22.43
N LEU C 285 1.82 10.59 21.22
CA LEU C 285 2.06 9.41 20.42
C LEU C 285 3.15 9.70 19.41
N ALA C 286 4.12 8.79 19.32
CA ALA C 286 5.25 8.97 18.41
C ALA C 286 5.50 7.67 17.66
N GLY C 287 5.83 7.80 16.38
CA GLY C 287 6.16 6.67 15.53
C GLY C 287 7.66 6.59 15.34
N TYR C 288 8.20 5.37 15.38
CA TYR C 288 9.64 5.14 15.37
C TYR C 288 10.02 4.25 14.20
N ASP C 289 11.31 3.97 14.11
CA ASP C 289 11.87 3.14 13.05
C ASP C 289 11.93 1.66 13.41
N ASP C 290 11.54 1.28 14.63
CA ASP C 290 11.56 -0.12 15.05
C ASP C 290 10.20 -0.80 14.94
N PHE C 291 9.44 -0.47 13.88
CA PHE C 291 8.20 -1.10 13.46
C PHE C 291 7.05 -0.96 14.45
N ASN C 292 7.13 -0.03 15.39
CA ASN C 292 6.01 0.19 16.31
C ASN C 292 6.03 1.63 16.82
N CYS C 293 4.88 2.05 17.34
CA CYS C 293 4.71 3.36 17.94
C CYS C 293 4.75 3.26 19.46
N ASN C 294 5.12 4.36 20.09
CA ASN C 294 5.20 4.45 21.54
C ASN C 294 4.29 5.56 22.05
N VAL C 295 3.55 5.28 23.11
CA VAL C 295 2.64 6.25 23.72
C VAL C 295 3.31 6.77 24.98
N TRP C 296 3.65 8.05 24.98
CA TRP C 296 4.34 8.69 26.08
C TRP C 296 3.37 9.46 26.96
N ASP C 297 3.80 9.74 28.19
CA ASP C 297 3.08 10.61 29.10
C ASP C 297 3.66 12.01 28.95
N ALA C 298 2.86 12.94 28.44
CA ALA C 298 3.36 14.27 28.14
C ALA C 298 3.63 15.11 29.39
N LEU C 299 3.12 14.69 30.54
CA LEU C 299 3.41 15.36 31.80
C LEU C 299 4.30 14.55 32.73
N LYS C 300 4.29 13.22 32.61
CA LYS C 300 5.05 12.35 33.51
C LYS C 300 6.33 11.81 32.90
N ALA C 301 6.51 11.94 31.57
CA ALA C 301 7.70 11.48 30.85
C ALA C 301 7.97 10.00 31.05
N ASP C 302 6.91 9.20 31.13
CA ASP C 302 7.01 7.76 31.30
C ASP C 302 6.25 7.07 30.17
N ARG C 303 6.81 5.96 29.67
CA ARG C 303 6.14 5.21 28.62
C ARG C 303 4.89 4.55 29.15
N ALA C 304 3.78 4.72 28.43
CA ALA C 304 2.48 4.20 28.85
C ALA C 304 1.91 3.16 27.90
N GLY C 305 2.60 2.84 26.81
CA GLY C 305 2.11 1.82 25.91
C GLY C 305 2.92 1.78 24.63
N VAL C 306 2.79 0.65 23.94
CA VAL C 306 3.44 0.42 22.65
C VAL C 306 2.42 -0.17 21.70
N LEU C 307 2.23 0.46 20.54
CA LEU C 307 1.33 -0.03 19.51
C LEU C 307 2.14 -0.79 18.47
N ALA C 308 2.16 -2.12 18.58
CA ALA C 308 2.95 -2.98 17.71
C ALA C 308 2.00 -3.76 16.81
N GLY C 309 1.81 -3.29 15.59
CA GLY C 309 0.98 -3.97 14.63
C GLY C 309 1.52 -3.93 13.22
N HIS C 310 2.69 -3.31 13.05
CA HIS C 310 3.31 -3.14 11.75
C HIS C 310 4.62 -3.91 11.69
N ASP C 311 4.90 -4.51 10.55
CA ASP C 311 6.16 -5.22 10.31
C ASP C 311 7.10 -4.43 9.41
N ASN C 312 6.91 -3.11 9.32
CA ASN C 312 7.86 -2.23 8.65
C ASN C 312 7.84 -0.88 9.36
N ARG C 313 8.61 0.06 8.82
CA ARG C 313 8.81 1.35 9.47
C ARG C 313 7.54 2.18 9.46
N VAL C 314 7.11 2.60 10.65
CA VAL C 314 5.97 3.49 10.79
C VAL C 314 6.39 4.88 10.31
N SER C 315 5.72 5.38 9.28
CA SER C 315 6.11 6.63 8.65
C SER C 315 5.19 7.80 8.96
N CYS C 316 3.92 7.54 9.25
CA CYS C 316 2.96 8.60 9.48
C CYS C 316 2.07 8.24 10.67
N LEU C 317 1.36 9.26 11.17
CA LEU C 317 0.55 9.11 12.36
C LEU C 317 -0.58 10.14 12.30
N GLY C 318 -1.68 9.84 12.97
CA GLY C 318 -2.82 10.73 12.97
C GLY C 318 -3.85 10.47 14.04
N VAL C 319 -4.33 11.54 14.67
CA VAL C 319 -5.34 11.47 15.72
C VAL C 319 -6.53 12.33 15.29
N THR C 320 -7.73 11.80 15.49
CA THR C 320 -8.95 12.45 15.02
C THR C 320 -9.23 13.75 15.79
N ASP C 321 -10.17 14.52 15.26
CA ASP C 321 -10.59 15.76 15.92
C ASP C 321 -11.29 15.47 17.24
N ASP C 322 -12.10 14.41 17.29
CA ASP C 322 -12.80 14.05 18.51
C ASP C 322 -12.02 13.08 19.39
N GLY C 323 -10.85 12.62 18.94
CA GLY C 323 -10.04 11.75 19.76
C GLY C 323 -10.48 10.30 19.81
N MET C 324 -11.44 9.92 18.96
CA MET C 324 -12.03 8.58 19.01
C MET C 324 -11.20 7.53 18.28
N ALA C 325 -10.19 7.92 17.52
CA ALA C 325 -9.39 6.93 16.80
C ALA C 325 -7.98 7.47 16.59
N VAL C 326 -7.04 6.53 16.42
CA VAL C 326 -5.68 6.83 16.01
C VAL C 326 -5.37 5.98 14.80
N ALA C 327 -4.92 6.60 13.72
CA ALA C 327 -4.59 5.91 12.49
C ALA C 327 -3.08 5.93 12.28
N THR C 328 -2.52 4.76 11.99
CA THR C 328 -1.08 4.60 11.80
C THR C 328 -0.83 3.94 10.47
N GLY C 329 -0.08 4.62 9.61
CA GLY C 329 0.38 4.02 8.36
C GLY C 329 1.85 3.71 8.44
N SER C 330 2.34 2.81 7.60
CA SER C 330 3.73 2.38 7.68
C SER C 330 4.20 1.97 6.29
N TRP C 331 5.43 1.46 6.24
CA TRP C 331 6.04 1.04 4.99
C TRP C 331 5.62 -0.37 4.56
N ASP C 332 4.73 -1.01 5.31
CA ASP C 332 4.24 -2.34 4.98
C ASP C 332 2.97 -2.30 4.13
N SER C 333 2.60 -1.12 3.61
CA SER C 333 1.44 -0.92 2.73
C SER C 333 0.13 -1.29 3.42
N PHE C 334 0.00 -0.87 4.69
CA PHE C 334 -1.24 -1.03 5.43
C PHE C 334 -1.48 0.20 6.29
N LEU C 335 -2.75 0.42 6.61
CA LEU C 335 -3.17 1.45 7.55
C LEU C 335 -3.98 0.78 8.65
N LYS C 336 -3.65 1.08 9.90
CA LYS C 336 -4.33 0.49 11.05
C LYS C 336 -5.05 1.58 11.83
N ILE C 337 -6.33 1.36 12.11
CA ILE C 337 -7.11 2.26 12.95
C ILE C 337 -7.13 1.66 14.35
N TRP C 338 -6.52 2.36 15.30
CA TRP C 338 -6.43 1.86 16.66
C TRP C 338 -7.45 2.56 17.56
N ASN C 339 -7.81 1.89 18.65
CA ASN C 339 -8.72 2.44 19.63
C ASN C 339 -8.49 1.84 21.00
N THR D 6 30.47 41.62 0.06
CA THR D 6 29.57 42.14 1.08
C THR D 6 28.47 41.15 1.47
N ALA D 7 28.46 39.97 0.87
CA ALA D 7 27.44 38.97 1.21
C ALA D 7 27.64 38.44 2.63
N SER D 8 28.89 38.28 3.05
CA SER D 8 29.17 37.82 4.41
C SER D 8 28.79 38.87 5.44
N ILE D 9 29.00 40.15 5.12
CA ILE D 9 28.62 41.23 6.02
C ILE D 9 27.11 41.33 6.13
N ALA D 10 26.41 41.22 4.99
CA ALA D 10 24.96 41.31 4.99
C ALA D 10 24.33 40.11 5.70
N GLN D 11 24.94 38.93 5.57
CA GLN D 11 24.45 37.77 6.30
C GLN D 11 24.66 37.92 7.79
N ALA D 12 25.80 38.50 8.19
CA ALA D 12 26.08 38.71 9.61
C ALA D 12 25.20 39.82 10.19
N ARG D 13 24.91 40.85 9.38
CA ARG D 13 24.07 41.94 9.87
C ARG D 13 22.62 41.50 10.02
N LYS D 14 22.15 40.60 9.15
CA LYS D 14 20.78 40.12 9.25
C LYS D 14 20.59 39.19 10.44
N LEU D 15 21.64 38.47 10.81
CA LEU D 15 21.55 37.56 11.97
C LEU D 15 21.47 38.34 13.27
N VAL D 16 22.18 39.47 13.35
CA VAL D 16 22.16 40.30 14.56
C VAL D 16 20.78 40.91 14.75
N GLU D 17 20.19 41.43 13.67
CA GLU D 17 18.85 42.02 13.75
C GLU D 17 17.79 40.97 14.07
N GLN D 18 17.98 39.75 13.56
CA GLN D 18 17.07 38.67 13.91
C GLN D 18 17.26 38.22 15.35
N LEU D 19 18.50 38.20 15.83
CA LEU D 19 18.76 37.84 17.22
C LEU D 19 18.21 38.88 18.18
N LYS D 20 18.29 40.16 17.80
CA LYS D 20 17.78 41.22 18.67
C LYS D 20 16.26 41.18 18.78
N MET D 21 15.58 40.78 17.70
CA MET D 21 14.13 40.67 17.73
C MET D 21 13.65 39.50 18.58
N GLU D 22 14.52 38.52 18.84
CA GLU D 22 14.17 37.39 19.69
C GLU D 22 14.76 37.49 21.10
N ALA D 23 15.78 38.33 21.30
CA ALA D 23 16.37 38.48 22.61
C ALA D 23 15.57 39.40 23.53
N ASN D 24 14.65 40.18 22.98
CA ASN D 24 13.81 41.10 23.75
C ASN D 24 12.35 40.74 23.50
N ILE D 25 11.85 39.77 24.25
CA ILE D 25 10.45 39.36 24.15
C ILE D 25 9.97 39.02 25.56
N ASP D 26 8.66 39.10 25.76
CA ASP D 26 8.10 38.81 27.07
C ASP D 26 8.11 37.30 27.33
N ARG D 27 8.64 36.93 28.49
CA ARG D 27 8.72 35.53 28.89
C ARG D 27 8.13 35.34 30.27
N ILE D 28 7.43 34.23 30.45
CA ILE D 28 6.93 33.84 31.75
C ILE D 28 7.80 32.70 32.26
N LYS D 29 7.65 32.39 33.55
CA LYS D 29 8.42 31.31 34.15
C LYS D 29 7.84 29.95 33.75
N VAL D 30 8.62 28.90 34.01
CA VAL D 30 8.20 27.56 33.65
C VAL D 30 7.03 27.11 34.51
N SER D 31 7.05 27.48 35.80
CA SER D 31 6.01 27.04 36.73
C SER D 31 4.63 27.58 36.36
N LYS D 32 4.59 28.76 35.74
CA LYS D 32 3.33 29.23 35.18
C LYS D 32 3.01 28.53 33.86
N ALA D 33 4.04 28.18 33.08
CA ALA D 33 3.81 27.43 31.85
C ALA D 33 3.49 25.97 32.14
N ALA D 34 4.09 25.42 33.20
CA ALA D 34 3.79 24.04 33.60
C ALA D 34 2.35 23.90 34.07
N ALA D 35 1.86 24.89 34.83
CA ALA D 35 0.49 24.82 35.34
C ALA D 35 -0.52 25.03 34.22
N ASP D 36 -0.14 25.80 33.19
CA ASP D 36 -1.02 26.00 32.05
C ASP D 36 -1.22 24.71 31.26
N LEU D 37 -0.14 23.95 31.07
CA LEU D 37 -0.25 22.68 30.35
C LEU D 37 -0.89 21.61 31.23
N MET D 38 -0.67 21.67 32.54
CA MET D 38 -1.28 20.71 33.45
C MET D 38 -2.79 20.89 33.51
N ALA D 39 -3.23 22.12 33.85
CA ALA D 39 -4.65 22.38 34.03
C ALA D 39 -5.44 22.29 32.73
N TYR D 40 -4.76 22.36 31.58
CA TYR D 40 -5.44 22.11 30.31
C TYR D 40 -5.88 20.65 30.20
N CYS D 41 -5.08 19.73 30.74
CA CYS D 41 -5.41 18.31 30.64
C CYS D 41 -6.54 17.92 31.57
N GLU D 42 -6.55 18.44 32.81
CA GLU D 42 -7.62 18.11 33.73
C GLU D 42 -8.94 18.76 33.35
N ALA D 43 -8.91 19.82 32.56
CA ALA D 43 -10.12 20.44 32.05
C ALA D 43 -10.66 19.74 30.80
N HIS D 44 -9.92 18.76 30.27
CA HIS D 44 -10.35 18.04 29.07
C HIS D 44 -10.10 16.54 29.18
N ALA D 45 -9.95 16.02 30.41
CA ALA D 45 -9.65 14.59 30.57
C ALA D 45 -10.85 13.72 30.22
N LYS D 46 -12.07 14.23 30.46
CA LYS D 46 -13.26 13.47 30.12
C LYS D 46 -13.56 13.47 28.62
N GLU D 47 -12.90 14.33 27.84
CA GLU D 47 -13.11 14.42 26.40
C GLU D 47 -12.05 13.67 25.61
N ASP D 48 -11.24 12.85 26.26
CA ASP D 48 -10.19 12.09 25.60
C ASP D 48 -10.53 10.62 25.59
N PRO D 49 -10.99 10.05 24.47
CA PRO D 49 -11.31 8.62 24.43
C PRO D 49 -10.11 7.71 24.62
N LEU D 50 -8.89 8.18 24.32
CA LEU D 50 -7.70 7.35 24.52
C LEU D 50 -7.37 7.21 26.00
N LEU D 51 -7.39 8.33 26.73
CA LEU D 51 -7.11 8.30 28.16
C LEU D 51 -8.22 7.58 28.92
N THR D 52 -9.47 7.99 28.69
CA THR D 52 -10.64 7.37 29.31
C THR D 52 -11.38 6.56 28.25
N PRO D 53 -11.34 5.23 28.31
CA PRO D 53 -12.00 4.43 27.28
C PRO D 53 -13.50 4.61 27.28
N VAL D 54 -14.07 4.61 26.08
CA VAL D 54 -15.50 4.82 25.86
C VAL D 54 -16.14 3.44 25.70
N PRO D 55 -17.35 3.21 26.21
CA PRO D 55 -18.03 1.93 25.96
C PRO D 55 -18.31 1.71 24.48
N ALA D 56 -18.40 0.44 24.09
CA ALA D 56 -18.49 0.06 22.69
C ALA D 56 -19.83 0.46 22.05
N SER D 57 -20.82 0.84 22.85
CA SER D 57 -22.07 1.34 22.29
C SER D 57 -21.86 2.65 21.54
N GLU D 58 -21.04 3.55 22.10
CA GLU D 58 -20.72 4.80 21.45
C GLU D 58 -19.49 4.72 20.55
N ASN D 59 -18.79 3.59 20.55
CA ASN D 59 -17.63 3.43 19.68
C ASN D 59 -18.08 3.26 18.23
N PRO D 60 -17.60 4.09 17.30
CA PRO D 60 -17.88 3.85 15.87
C PRO D 60 -16.90 2.93 15.19
N PHE D 61 -15.97 2.33 15.94
CA PHE D 61 -14.96 1.43 15.40
C PHE D 61 -15.03 0.05 16.06
N ARG D 62 -16.24 -0.41 16.36
CA ARG D 62 -16.42 -1.71 17.00
C ARG D 62 -16.18 -2.85 16.01
N ASP E 1 -23.47 21.89 -19.24
CA ASP E 1 -22.41 20.93 -19.50
C ASP E 1 -22.94 19.50 -19.42
N VAL E 2 -23.51 19.15 -18.27
CA VAL E 2 -24.07 17.82 -18.10
C VAL E 2 -25.38 17.72 -18.88
N GLN E 3 -25.48 16.71 -19.73
CA GLN E 3 -26.65 16.53 -20.59
C GLN E 3 -27.01 15.07 -20.67
N LEU E 4 -28.31 14.78 -20.64
CA LEU E 4 -28.84 13.44 -20.79
C LEU E 4 -29.93 13.52 -21.85
N VAL E 5 -29.57 13.21 -23.10
CA VAL E 5 -30.45 13.36 -24.24
C VAL E 5 -31.10 12.01 -24.52
N GLU E 6 -32.44 12.01 -24.56
CA GLU E 6 -33.26 10.83 -24.74
C GLU E 6 -33.71 10.69 -26.18
N SER E 7 -34.12 9.47 -26.55
CA SER E 7 -34.59 9.20 -27.90
C SER E 7 -35.50 7.99 -27.87
N GLY E 8 -36.36 7.89 -28.88
CA GLY E 8 -37.32 6.82 -28.98
C GLY E 8 -38.75 7.31 -28.92
N GLY E 9 -39.65 6.52 -28.34
CA GLY E 9 -41.02 6.93 -28.20
C GLY E 9 -41.83 6.79 -29.48
N GLY E 10 -43.05 7.30 -29.42
CA GLY E 10 -43.98 7.27 -30.54
C GLY E 10 -45.23 6.49 -30.21
N LEU E 11 -45.99 6.19 -31.26
CA LEU E 11 -47.24 5.44 -31.15
C LEU E 11 -46.97 3.98 -31.49
N VAL E 12 -47.19 3.09 -30.53
CA VAL E 12 -46.90 1.67 -30.67
C VAL E 12 -48.19 0.89 -30.47
N GLN E 13 -48.42 -0.11 -31.32
CA GLN E 13 -49.54 -1.01 -31.13
C GLN E 13 -49.28 -1.89 -29.90
N PRO E 14 -50.34 -2.28 -29.18
CA PRO E 14 -50.17 -3.19 -28.05
C PRO E 14 -49.62 -4.54 -28.49
N GLY E 15 -48.76 -5.11 -27.66
CA GLY E 15 -48.03 -6.31 -28.00
C GLY E 15 -46.74 -6.08 -28.76
N GLY E 16 -46.41 -4.83 -29.09
CA GLY E 16 -45.21 -4.53 -29.83
C GLY E 16 -43.99 -4.43 -28.93
N SER E 17 -42.92 -3.86 -29.48
CA SER E 17 -41.67 -3.72 -28.75
C SER E 17 -40.98 -2.43 -29.15
N ARG E 18 -40.31 -1.80 -28.18
CA ARG E 18 -39.53 -0.60 -28.41
C ARG E 18 -38.26 -0.66 -27.58
N LYS E 19 -37.26 0.11 -28.01
CA LYS E 19 -35.97 0.20 -27.33
C LYS E 19 -35.64 1.68 -27.14
N LEU E 20 -35.95 2.21 -25.97
CA LEU E 20 -35.60 3.59 -25.66
C LEU E 20 -34.09 3.70 -25.41
N SER E 21 -33.55 4.87 -25.72
CA SER E 21 -32.12 5.13 -25.58
C SER E 21 -31.92 6.49 -24.90
N CYS E 22 -30.76 6.63 -24.24
CA CYS E 22 -30.38 7.91 -23.54
C CYS E 22 -28.89 8.19 -23.73
N SER E 23 -28.53 9.25 -24.45
CA SER E 23 -27.14 9.62 -24.68
C SER E 23 -26.67 10.54 -23.56
N ALA E 24 -25.53 10.20 -22.96
CA ALA E 24 -24.97 10.95 -21.85
C ALA E 24 -23.74 11.73 -22.32
N SER E 25 -23.72 13.03 -22.04
CA SER E 25 -22.60 13.88 -22.40
C SER E 25 -22.32 14.86 -21.28
N GLY E 26 -21.04 15.07 -21.00
CA GLY E 26 -20.62 16.06 -20.03
C GLY E 26 -20.28 15.55 -18.65
N PHE E 27 -20.26 14.23 -18.45
CA PHE E 27 -19.89 13.67 -17.15
C PHE E 27 -19.39 12.25 -17.36
N ALA E 28 -18.72 11.72 -16.33
CA ALA E 28 -18.18 10.36 -16.36
C ALA E 28 -19.33 9.36 -16.23
N PHE E 29 -19.77 8.82 -17.36
CA PHE E 29 -20.93 7.93 -17.37
C PHE E 29 -20.61 6.57 -16.74
N SER E 30 -19.34 6.16 -16.75
CA SER E 30 -18.98 4.83 -16.27
C SER E 30 -19.13 4.71 -14.77
N SER E 31 -18.89 5.80 -14.03
CA SER E 31 -18.91 5.78 -12.58
C SER E 31 -20.28 6.10 -11.99
N PHE E 32 -21.30 6.26 -12.82
CA PHE E 32 -22.63 6.66 -12.36
C PHE E 32 -23.62 5.52 -12.58
N GLY E 33 -24.44 5.26 -11.56
CA GLY E 33 -25.55 4.35 -11.73
C GLY E 33 -26.75 5.06 -12.34
N MET E 34 -27.53 4.31 -13.10
CA MET E 34 -28.60 4.88 -13.91
C MET E 34 -29.94 4.29 -13.55
N HIS E 35 -30.98 5.10 -13.69
CA HIS E 35 -32.34 4.70 -13.30
C HIS E 35 -33.33 5.18 -14.35
N TRP E 36 -34.36 4.42 -14.65
CA TRP E 36 -35.44 4.81 -15.54
C TRP E 36 -36.67 5.10 -14.70
N VAL E 37 -37.23 6.29 -14.88
CA VAL E 37 -38.42 6.72 -14.15
C VAL E 37 -39.45 7.20 -15.16
N ARG E 38 -40.64 6.62 -15.10
CA ARG E 38 -41.73 7.01 -15.99
C ARG E 38 -42.66 8.00 -15.30
N GLN E 39 -43.56 8.58 -16.09
CA GLN E 39 -44.55 9.52 -15.59
C GLN E 39 -45.78 9.42 -16.50
N ALA E 40 -46.83 8.77 -16.00
CA ALA E 40 -48.07 8.68 -16.75
C ALA E 40 -48.77 10.03 -16.77
N PRO E 41 -49.51 10.34 -17.84
CA PRO E 41 -50.26 11.60 -17.87
C PRO E 41 -51.32 11.72 -16.79
N GLU E 42 -51.95 10.61 -16.41
CA GLU E 42 -52.98 10.59 -15.38
C GLU E 42 -52.47 10.00 -14.07
N LYS E 43 -51.19 10.19 -13.77
CA LYS E 43 -50.58 9.67 -12.55
C LYS E 43 -49.35 10.52 -12.23
N GLY E 44 -48.53 10.03 -11.31
CA GLY E 44 -47.36 10.77 -10.88
C GLY E 44 -46.04 10.22 -11.39
N LEU E 45 -45.12 9.95 -10.47
CA LEU E 45 -43.77 9.53 -10.80
C LEU E 45 -43.58 8.09 -10.36
N GLU E 46 -43.11 7.25 -11.29
CA GLU E 46 -42.97 5.82 -11.04
C GLU E 46 -41.61 5.33 -11.50
N TRP E 47 -40.98 4.48 -10.69
CA TRP E 47 -39.66 3.96 -10.95
C TRP E 47 -39.75 2.63 -11.71
N VAL E 48 -38.89 2.48 -12.73
CA VAL E 48 -38.96 1.34 -13.65
C VAL E 48 -37.81 0.36 -13.41
N ALA E 49 -36.57 0.82 -13.59
CA ALA E 49 -35.43 -0.08 -13.52
C ALA E 49 -34.21 0.68 -12.98
N TYR E 50 -33.14 -0.07 -12.77
CA TYR E 50 -31.90 0.49 -12.25
C TYR E 50 -30.73 -0.39 -12.69
N ILE E 51 -29.67 0.23 -13.18
CA ILE E 51 -28.42 -0.46 -13.50
C ILE E 51 -27.29 0.24 -12.74
N SER E 52 -26.40 -0.55 -12.15
CA SER E 52 -25.31 0.00 -11.37
C SER E 52 -24.09 0.27 -12.24
N SER E 53 -23.12 0.97 -11.67
CA SER E 53 -21.85 1.19 -12.36
C SER E 53 -21.09 -0.11 -12.46
N GLY E 54 -20.64 -0.44 -13.67
CA GLY E 54 -20.03 -1.72 -13.92
C GLY E 54 -21.00 -2.82 -14.29
N SER E 55 -22.32 -2.53 -14.28
CA SER E 55 -23.38 -3.46 -14.70
C SER E 55 -23.35 -4.75 -13.88
N GLY E 56 -23.10 -4.63 -12.58
CA GLY E 56 -23.05 -5.79 -11.72
C GLY E 56 -24.28 -5.98 -10.86
N THR E 57 -25.16 -4.99 -10.84
CA THR E 57 -26.36 -5.05 -10.01
C THR E 57 -27.50 -4.38 -10.77
N ILE E 58 -28.54 -5.15 -11.07
CA ILE E 58 -29.67 -4.69 -11.88
C ILE E 58 -30.96 -5.03 -11.13
N TYR E 59 -31.83 -4.04 -10.98
CA TYR E 59 -33.13 -4.22 -10.33
C TYR E 59 -34.25 -3.73 -11.24
N TYR E 60 -35.41 -4.34 -11.12
CA TYR E 60 -36.58 -4.00 -11.91
C TYR E 60 -37.79 -3.78 -11.01
N ALA E 61 -38.75 -3.01 -11.51
CA ALA E 61 -40.04 -2.89 -10.86
C ALA E 61 -40.85 -4.16 -11.10
N ASP E 62 -41.80 -4.41 -10.20
CA ASP E 62 -42.62 -5.62 -10.28
C ASP E 62 -43.56 -5.59 -11.48
N THR E 63 -43.99 -4.40 -11.91
CA THR E 63 -44.91 -4.30 -13.04
C THR E 63 -44.21 -4.58 -14.35
N VAL E 64 -42.89 -4.41 -14.41
CA VAL E 64 -42.13 -4.52 -15.65
C VAL E 64 -41.13 -5.67 -15.60
N LYS E 65 -41.14 -6.47 -14.54
CA LYS E 65 -40.16 -7.54 -14.41
C LYS E 65 -40.50 -8.68 -15.36
N GLY E 66 -39.50 -9.11 -16.14
CA GLY E 66 -39.64 -10.20 -17.07
C GLY E 66 -39.87 -9.78 -18.51
N ARG E 67 -40.33 -8.55 -18.74
CA ARG E 67 -40.57 -8.06 -20.09
C ARG E 67 -39.82 -6.78 -20.43
N PHE E 68 -39.23 -6.10 -19.44
CA PHE E 68 -38.38 -4.94 -19.67
C PHE E 68 -36.93 -5.32 -19.38
N THR E 69 -36.01 -4.81 -20.19
CA THR E 69 -34.59 -5.07 -20.02
C THR E 69 -33.83 -3.75 -20.06
N ILE E 70 -32.94 -3.55 -19.10
CA ILE E 70 -32.13 -2.34 -19.02
C ILE E 70 -30.67 -2.73 -19.21
N SER E 71 -29.94 -1.93 -20.01
CA SER E 71 -28.54 -2.18 -20.29
C SER E 71 -27.86 -0.86 -20.61
N ARG E 72 -26.53 -0.87 -20.52
CA ARG E 72 -25.75 0.34 -20.77
C ARG E 72 -24.53 -0.03 -21.61
N ASP E 73 -24.04 0.96 -22.35
CA ASP E 73 -22.82 0.85 -23.15
C ASP E 73 -21.87 1.94 -22.69
N ASP E 74 -20.92 1.58 -21.83
CA ASP E 74 -20.00 2.56 -21.24
C ASP E 74 -19.09 3.26 -22.25
N PRO E 75 -18.45 2.57 -23.22
CA PRO E 75 -17.70 3.34 -24.24
C PRO E 75 -18.56 4.24 -25.10
N LYS E 76 -19.81 3.87 -25.36
CA LYS E 76 -20.71 4.68 -26.18
C LYS E 76 -21.47 5.72 -25.37
N ASN E 77 -21.33 5.70 -24.03
CA ASN E 77 -21.99 6.64 -23.12
C ASN E 77 -23.51 6.64 -23.30
N THR E 78 -24.08 5.44 -23.47
CA THR E 78 -25.49 5.33 -23.77
C THR E 78 -26.08 4.13 -23.05
N LEU E 79 -27.20 4.36 -22.36
CA LEU E 79 -27.96 3.30 -21.72
C LEU E 79 -29.28 3.09 -22.46
N PHE E 80 -29.77 1.85 -22.42
CA PHE E 80 -30.95 1.45 -23.17
C PHE E 80 -32.03 0.91 -22.25
N LEU E 81 -33.24 0.80 -22.79
CA LEU E 81 -34.37 0.18 -22.10
C LEU E 81 -35.17 -0.57 -23.15
N GLN E 82 -34.95 -1.88 -23.24
CA GLN E 82 -35.66 -2.73 -24.19
C GLN E 82 -36.99 -3.14 -23.57
N MET E 83 -38.09 -2.66 -24.15
CA MET E 83 -39.42 -2.90 -23.63
C MET E 83 -40.18 -3.83 -24.58
N THR E 84 -40.66 -4.95 -24.05
CA THR E 84 -41.35 -5.96 -24.84
C THR E 84 -42.73 -6.22 -24.25
N SER E 85 -43.64 -6.67 -25.14
CA SER E 85 -45.02 -7.02 -24.78
C SER E 85 -45.76 -5.84 -24.14
N LEU E 86 -45.84 -4.73 -24.86
CA LEU E 86 -46.39 -3.51 -24.32
C LEU E 86 -47.90 -3.60 -24.15
N ARG E 87 -48.39 -2.92 -23.12
CA ARG E 87 -49.81 -2.80 -22.83
C ARG E 87 -50.17 -1.31 -22.70
N SER E 88 -51.45 -1.05 -22.40
CA SER E 88 -51.90 0.33 -22.30
C SER E 88 -51.42 0.99 -21.02
N GLU E 89 -51.03 0.20 -20.02
CA GLU E 89 -50.55 0.76 -18.76
C GLU E 89 -49.13 1.29 -18.85
N ASP E 90 -48.42 1.05 -19.95
CA ASP E 90 -47.06 1.53 -20.13
C ASP E 90 -47.00 2.84 -20.90
N THR E 91 -48.14 3.50 -21.11
CA THR E 91 -48.19 4.79 -21.78
C THR E 91 -47.76 5.86 -20.79
N ALA E 92 -46.56 6.41 -20.99
CA ALA E 92 -45.96 7.39 -20.08
C ALA E 92 -44.81 8.15 -20.71
N MET E 93 -44.12 9.02 -19.97
CA MET E 93 -42.88 9.72 -20.39
C MET E 93 -41.73 9.09 -19.61
N TYR E 94 -40.67 8.65 -20.24
CA TYR E 94 -39.64 7.83 -19.58
C TYR E 94 -38.37 8.62 -19.33
N TYR E 95 -38.19 9.08 -18.10
CA TYR E 95 -37.01 9.88 -17.78
C TYR E 95 -35.81 9.00 -17.44
N CYS E 96 -34.60 9.56 -17.75
CA CYS E 96 -33.31 8.92 -17.40
C CYS E 96 -32.66 9.73 -16.27
N VAL E 97 -32.20 9.03 -15.22
CA VAL E 97 -31.60 9.68 -14.05
C VAL E 97 -30.21 9.13 -13.84
N ARG E 98 -29.24 10.02 -13.60
CA ARG E 98 -27.92 9.61 -13.15
C ARG E 98 -27.88 9.59 -11.64
N SER E 99 -26.98 8.78 -11.09
CA SER E 99 -26.91 8.58 -9.65
C SER E 99 -25.56 7.96 -9.30
N ILE E 100 -24.97 8.45 -8.21
CA ILE E 100 -23.69 7.94 -7.71
C ILE E 100 -23.85 7.63 -6.23
N TYR E 101 -23.00 6.72 -5.74
CA TYR E 101 -23.13 6.20 -4.38
C TYR E 101 -21.76 6.09 -3.73
N TYR E 102 -21.46 7.02 -2.84
CA TYR E 102 -20.35 6.91 -1.89
C TYR E 102 -20.71 7.73 -0.68
N TYR E 103 -19.76 7.87 0.24
CA TYR E 103 -20.03 8.63 1.46
C TYR E 103 -20.08 10.11 1.15
N GLY E 104 -21.21 10.75 1.47
CA GLY E 104 -21.40 12.15 1.17
C GLY E 104 -21.85 12.45 -0.24
N SER E 105 -22.20 11.43 -1.02
CA SER E 105 -22.62 11.62 -2.39
C SER E 105 -24.05 12.15 -2.46
N SER E 106 -24.43 12.60 -3.66
CA SER E 106 -25.76 13.17 -3.92
C SER E 106 -26.39 12.45 -5.10
N PRO E 107 -26.99 11.29 -4.87
CA PRO E 107 -27.65 10.57 -5.97
C PRO E 107 -28.94 11.26 -6.39
N PHE E 108 -29.41 10.85 -7.58
CA PHE E 108 -30.59 11.42 -8.25
C PHE E 108 -30.43 12.93 -8.47
N ASP E 109 -29.20 13.37 -8.70
CA ASP E 109 -28.93 14.81 -8.79
C ASP E 109 -29.37 15.40 -10.12
N PHE E 110 -29.15 14.69 -11.22
CA PHE E 110 -29.44 15.21 -12.55
C PHE E 110 -30.42 14.30 -13.28
N TRP E 111 -31.49 14.90 -13.79
CA TRP E 111 -32.45 14.23 -14.65
C TRP E 111 -32.37 14.82 -16.05
N GLY E 112 -32.80 14.02 -17.03
CA GLY E 112 -32.92 14.48 -18.40
C GLY E 112 -34.36 14.58 -18.83
N GLN E 113 -34.55 14.98 -20.08
CA GLN E 113 -35.89 14.98 -20.66
C GLN E 113 -36.29 13.55 -21.00
N GLY E 114 -37.57 13.36 -21.30
CA GLY E 114 -38.15 12.04 -21.42
C GLY E 114 -38.76 11.76 -22.78
N THR E 115 -38.88 10.47 -23.09
CA THR E 115 -39.56 10.01 -24.30
C THR E 115 -41.03 9.80 -24.02
N THR E 116 -41.88 10.36 -24.88
CA THR E 116 -43.32 10.17 -24.76
C THR E 116 -43.71 8.92 -25.53
N LEU E 117 -43.93 7.82 -24.82
CA LEU E 117 -44.33 6.55 -25.41
C LEU E 117 -45.82 6.36 -25.19
N THR E 118 -46.56 6.18 -26.29
CA THR E 118 -48.01 6.01 -26.24
C THR E 118 -48.37 4.66 -26.87
N VAL E 119 -49.12 3.85 -26.13
CA VAL E 119 -49.58 2.55 -26.60
C VAL E 119 -51.09 2.63 -26.80
N SER E 120 -51.54 2.33 -28.01
CA SER E 120 -52.96 2.40 -28.33
C SER E 120 -53.71 1.18 -27.80
N SER E 136 -44.47 -6.06 0.61
CA SER E 136 -43.37 -5.57 1.45
C SER E 136 -42.74 -4.32 0.83
N ASP E 137 -43.56 -3.49 0.21
CA ASP E 137 -43.12 -2.26 -0.43
C ASP E 137 -43.57 -1.06 0.40
N ILE E 138 -42.64 -0.13 0.63
CA ILE E 138 -42.95 1.05 1.43
C ILE E 138 -43.83 1.98 0.61
N VAL E 139 -44.91 2.45 1.23
CA VAL E 139 -45.87 3.35 0.58
C VAL E 139 -45.61 4.76 1.10
N MET E 140 -45.39 5.69 0.17
CA MET E 140 -45.18 7.09 0.49
C MET E 140 -46.49 7.84 0.28
N THR E 141 -46.97 8.52 1.31
CA THR E 141 -48.26 9.20 1.28
C THR E 141 -48.04 10.70 1.34
N GLN E 142 -48.50 11.40 0.32
CA GLN E 142 -48.54 12.86 0.28
C GLN E 142 -50.01 13.26 0.34
N ALA E 143 -50.48 13.56 1.55
CA ALA E 143 -51.88 13.87 1.76
C ALA E 143 -52.30 15.16 1.05
N THR E 144 -51.44 16.18 1.10
CA THR E 144 -51.73 17.41 0.39
C THR E 144 -51.53 17.21 -1.11
N SER E 145 -52.50 17.66 -1.89
CA SER E 145 -52.47 17.53 -3.35
C SER E 145 -52.33 18.87 -4.05
N SER E 146 -53.23 19.81 -3.78
CA SER E 146 -53.17 21.15 -4.36
C SER E 146 -53.18 22.18 -3.24
N VAL E 147 -52.22 23.10 -3.27
CA VAL E 147 -52.09 24.10 -2.23
C VAL E 147 -51.96 25.48 -2.87
N PRO E 148 -52.85 26.42 -2.57
CA PRO E 148 -52.68 27.79 -3.07
C PRO E 148 -51.60 28.52 -2.27
N VAL E 149 -50.68 29.14 -2.99
CA VAL E 149 -49.51 29.77 -2.39
C VAL E 149 -49.35 31.19 -2.95
N THR E 150 -49.21 32.17 -2.04
CA THR E 150 -48.92 33.55 -2.37
C THR E 150 -47.42 33.81 -2.27
N PRO E 151 -46.86 34.68 -3.11
CA PRO E 151 -45.43 34.98 -3.02
C PRO E 151 -45.08 35.72 -1.74
N GLY E 152 -43.85 35.51 -1.28
CA GLY E 152 -43.37 36.11 -0.05
C GLY E 152 -43.74 35.38 1.21
N GLU E 153 -44.44 34.26 1.12
CA GLU E 153 -44.86 33.49 2.28
C GLU E 153 -43.98 32.27 2.47
N SER E 154 -44.23 31.55 3.57
CA SER E 154 -43.50 30.34 3.90
C SER E 154 -44.44 29.14 3.80
N VAL E 155 -44.04 28.15 3.01
CA VAL E 155 -44.86 26.96 2.75
C VAL E 155 -44.11 25.74 3.27
N SER E 156 -44.82 24.89 4.01
CA SER E 156 -44.26 23.66 4.54
C SER E 156 -44.97 22.47 3.91
N ILE E 157 -44.20 21.54 3.37
CA ILE E 157 -44.73 20.36 2.70
C ILE E 157 -44.32 19.14 3.50
N SER E 158 -45.29 18.31 3.87
CA SER E 158 -45.07 17.15 4.73
C SER E 158 -45.28 15.86 3.95
N CYS E 159 -44.47 14.86 4.28
CA CYS E 159 -44.55 13.54 3.67
C CYS E 159 -44.50 12.48 4.76
N ARG E 160 -45.12 11.34 4.48
CA ARG E 160 -45.17 10.23 5.42
C ARG E 160 -44.89 8.93 4.69
N SER E 161 -44.42 7.94 5.43
CA SER E 161 -44.08 6.64 4.88
C SER E 161 -44.77 5.55 5.70
N SER E 162 -44.57 4.30 5.28
CA SER E 162 -45.10 3.14 5.98
C SER E 162 -44.07 2.47 6.87
N LYS E 163 -42.84 2.99 6.92
CA LYS E 163 -41.78 2.41 7.73
C LYS E 163 -40.91 3.53 8.28
N SER E 164 -39.96 3.16 9.12
CA SER E 164 -38.95 4.09 9.63
C SER E 164 -37.79 4.10 8.64
N LEU E 165 -37.70 5.19 7.86
CA LEU E 165 -36.67 5.37 6.80
C LEU E 165 -35.31 5.67 7.40
N LEU E 166 -35.22 5.85 8.72
CA LEU E 166 -33.88 6.01 9.33
C LEU E 166 -33.22 4.64 9.40
N HIS E 167 -31.94 4.56 9.07
CA HIS E 167 -31.18 3.29 9.19
C HIS E 167 -30.30 3.34 10.44
N SER E 168 -29.71 2.22 10.79
CA SER E 168 -28.83 2.05 11.94
C SER E 168 -27.48 2.75 11.79
N ASN E 169 -27.11 3.17 10.59
CA ASN E 169 -25.89 3.94 10.38
C ASN E 169 -26.13 5.44 10.46
N GLY E 170 -27.25 5.86 11.06
CA GLY E 170 -27.53 7.27 11.22
C GLY E 170 -28.03 7.98 9.98
N ASN E 171 -28.48 7.23 8.97
CA ASN E 171 -28.92 7.80 7.71
C ASN E 171 -30.42 7.57 7.53
N THR E 172 -31.13 8.63 7.16
CA THR E 172 -32.53 8.55 6.78
C THR E 172 -32.63 8.84 5.30
N TYR E 173 -33.23 7.92 4.54
CA TYR E 173 -33.18 7.96 3.08
C TYR E 173 -34.48 8.53 2.54
N LEU E 174 -34.56 9.86 2.53
CA LEU E 174 -35.70 10.56 1.97
C LEU E 174 -35.22 11.67 1.04
N TYR E 175 -35.77 11.71 -0.17
CA TYR E 175 -35.36 12.67 -1.18
C TYR E 175 -36.55 13.57 -1.55
N TRP E 176 -36.24 14.77 -2.00
CA TRP E 176 -37.24 15.73 -2.43
C TRP E 176 -36.95 16.19 -3.85
N PHE E 177 -37.98 16.18 -4.71
CA PHE E 177 -37.85 16.58 -6.09
C PHE E 177 -38.91 17.63 -6.42
N LEU E 178 -38.59 18.49 -7.38
CA LEU E 178 -39.50 19.52 -7.86
C LEU E 178 -39.67 19.38 -9.36
N GLN E 179 -40.91 19.16 -9.79
CA GLN E 179 -41.26 19.12 -11.22
C GLN E 179 -41.94 20.45 -11.54
N ARG E 180 -41.21 21.32 -12.25
CA ARG E 180 -41.82 22.52 -12.81
C ARG E 180 -42.62 22.15 -14.05
N PRO E 181 -43.60 22.98 -14.43
CA PRO E 181 -44.38 22.69 -15.64
C PRO E 181 -43.51 22.69 -16.89
N GLY E 182 -43.56 21.59 -17.64
CA GLY E 182 -42.76 21.45 -18.84
C GLY E 182 -41.28 21.24 -18.59
N GLN E 183 -40.90 20.76 -17.42
CA GLN E 183 -39.50 20.59 -17.07
C GLN E 183 -39.28 19.26 -16.37
N SER E 184 -38.07 18.74 -16.49
CA SER E 184 -37.69 17.53 -15.79
C SER E 184 -37.57 17.81 -14.29
N PRO E 185 -37.86 16.82 -13.44
CA PRO E 185 -37.73 17.02 -11.99
C PRO E 185 -36.29 17.22 -11.57
N GLN E 186 -36.10 18.01 -10.52
CA GLN E 186 -34.80 18.43 -10.05
C GLN E 186 -34.68 18.14 -8.56
N LEU E 187 -33.54 17.59 -8.15
CA LEU E 187 -33.30 17.27 -6.75
C LEU E 187 -33.16 18.54 -5.92
N LEU E 188 -33.81 18.55 -4.76
CA LEU E 188 -33.71 19.65 -3.82
C LEU E 188 -32.96 19.26 -2.55
N ILE E 189 -33.39 18.20 -1.88
CA ILE E 189 -32.83 17.76 -0.62
C ILE E 189 -32.58 16.26 -0.71
N TYR E 190 -31.37 15.83 -0.38
CA TYR E 190 -31.04 14.41 -0.34
C TYR E 190 -30.74 14.00 1.09
N ARG E 191 -31.29 12.72 1.38
CA ARG E 191 -31.15 12.13 2.73
C ARG E 191 -31.84 13.02 3.79
N MET E 192 -32.84 13.76 3.47
CA MET E 192 -33.80 14.45 4.34
C MET E 192 -33.26 15.76 4.90
N SER E 193 -31.95 15.97 4.89
CA SER E 193 -31.39 17.12 5.59
C SER E 193 -30.40 17.96 4.80
N ASN E 194 -29.76 17.43 3.75
CA ASN E 194 -28.66 18.11 3.07
C ASN E 194 -29.13 18.71 1.76
N LEU E 195 -28.73 19.96 1.52
CA LEU E 195 -29.12 20.69 0.32
C LEU E 195 -28.27 20.26 -0.88
N ALA E 196 -28.89 20.21 -2.04
CA ALA E 196 -28.20 19.82 -3.26
C ALA E 196 -27.45 21.01 -3.86
N SER E 197 -26.60 20.72 -4.84
CA SER E 197 -25.81 21.76 -5.49
C SER E 197 -26.69 22.58 -6.42
N GLY E 198 -26.52 23.90 -6.37
CA GLY E 198 -27.28 24.81 -7.20
C GLY E 198 -28.66 25.15 -6.67
N VAL E 199 -29.06 24.58 -5.54
CA VAL E 199 -30.37 24.83 -4.94
C VAL E 199 -30.22 26.01 -3.99
N PRO E 200 -31.13 26.98 -4.00
CA PRO E 200 -31.05 28.10 -3.05
C PRO E 200 -31.19 27.63 -1.61
N ASP E 201 -30.57 28.39 -0.70
CA ASP E 201 -30.49 28.03 0.70
C ASP E 201 -31.83 28.14 1.44
N ARG E 202 -32.85 28.72 0.81
CA ARG E 202 -34.14 28.86 1.47
C ARG E 202 -34.83 27.52 1.68
N PHE E 203 -34.53 26.53 0.84
CA PHE E 203 -35.08 25.20 1.03
C PHE E 203 -34.41 24.51 2.21
N SER E 204 -35.20 23.78 2.99
CA SER E 204 -34.67 23.05 4.14
C SER E 204 -35.53 21.82 4.38
N GLY E 205 -34.93 20.82 5.01
CA GLY E 205 -35.63 19.59 5.31
C GLY E 205 -35.34 19.09 6.71
N SER E 206 -36.37 18.60 7.40
CA SER E 206 -36.22 18.10 8.76
C SER E 206 -37.32 17.10 9.05
N GLY E 207 -37.13 16.35 10.12
CA GLY E 207 -38.11 15.37 10.55
C GLY E 207 -37.42 14.21 11.25
N SER E 208 -38.20 13.14 11.42
CA SER E 208 -37.73 11.91 12.03
C SER E 208 -38.26 10.75 11.21
N GLY E 209 -38.19 9.55 11.78
CA GLY E 209 -38.81 8.39 11.15
C GLY E 209 -40.30 8.54 10.98
N THR E 210 -40.79 8.21 9.77
CA THR E 210 -42.20 8.12 9.38
C THR E 210 -42.87 9.51 9.32
N ALA E 211 -42.14 10.56 9.68
CA ALA E 211 -42.68 11.92 9.68
C ALA E 211 -41.62 12.85 9.10
N PHE E 212 -41.91 13.42 7.92
CA PHE E 212 -40.97 14.26 7.21
C PHE E 212 -41.62 15.59 6.86
N THR E 213 -40.78 16.60 6.67
CA THR E 213 -41.25 17.96 6.42
C THR E 213 -40.21 18.72 5.62
N LEU E 214 -40.62 19.29 4.50
CA LEU E 214 -39.79 20.20 3.70
C LEU E 214 -40.28 21.62 3.92
N THR E 215 -39.34 22.53 4.20
CA THR E 215 -39.66 23.91 4.52
C THR E 215 -39.14 24.85 3.45
N ILE E 216 -39.99 25.76 3.01
CA ILE E 216 -39.64 26.82 2.08
C ILE E 216 -39.83 28.15 2.78
N SER E 217 -38.81 29.00 2.75
CA SER E 217 -38.86 30.31 3.37
C SER E 217 -38.73 31.38 2.29
N ARG E 218 -39.65 32.35 2.31
CA ARG E 218 -39.70 33.47 1.36
C ARG E 218 -39.80 32.96 -0.08
N LEU E 219 -40.93 32.30 -0.36
CA LEU E 219 -41.15 31.72 -1.69
C LEU E 219 -41.30 32.83 -2.73
N GLU E 220 -40.79 32.56 -3.93
CA GLU E 220 -40.81 33.51 -5.03
C GLU E 220 -41.19 32.80 -6.32
N ALA E 221 -41.00 33.47 -7.44
CA ALA E 221 -41.25 32.88 -8.74
C ALA E 221 -40.23 31.78 -9.03
N GLU E 222 -40.58 30.93 -10.00
CA GLU E 222 -39.85 29.71 -10.36
C GLU E 222 -39.70 28.77 -9.17
N ASP E 223 -40.69 28.77 -8.28
CA ASP E 223 -40.76 27.86 -7.14
C ASP E 223 -42.20 27.33 -7.07
N VAL E 224 -42.71 26.91 -8.23
CA VAL E 224 -44.09 26.46 -8.38
C VAL E 224 -44.08 25.17 -9.17
N GLY E 225 -44.69 24.13 -8.63
CA GLY E 225 -44.74 22.85 -9.31
C GLY E 225 -45.28 21.77 -8.40
N VAL E 226 -45.00 20.52 -8.77
CA VAL E 226 -45.44 19.36 -8.02
C VAL E 226 -44.23 18.79 -7.30
N TYR E 227 -44.29 18.78 -5.97
CA TYR E 227 -43.18 18.28 -5.17
C TYR E 227 -43.37 16.80 -4.90
N TYR E 228 -42.29 16.04 -5.05
CA TYR E 228 -42.34 14.59 -4.92
C TYR E 228 -41.46 14.11 -3.78
N CYS E 229 -41.90 13.02 -3.16
CA CYS E 229 -41.27 12.46 -1.96
C CYS E 229 -40.85 11.03 -2.27
N MET E 230 -39.56 10.74 -2.14
CA MET E 230 -39.00 9.47 -2.60
C MET E 230 -38.10 8.86 -1.54
N GLN E 231 -38.14 7.52 -1.45
CA GLN E 231 -37.40 6.78 -0.44
C GLN E 231 -36.37 5.87 -1.11
N HIS E 232 -35.21 5.73 -0.45
CA HIS E 232 -34.11 4.93 -0.97
C HIS E 232 -33.65 3.89 0.04
N LEU E 233 -34.51 3.48 0.97
CA LEU E 233 -34.10 2.52 1.99
C LEU E 233 -33.99 1.11 1.42
N GLU E 234 -34.93 0.81 0.53
CA GLU E 234 -34.98 -0.52 -0.07
C GLU E 234 -35.65 -0.44 -1.43
N TYR E 235 -35.03 -1.02 -2.44
CA TYR E 235 -35.70 -1.10 -3.76
C TYR E 235 -36.89 -2.01 -3.48
N PRO E 236 -38.14 -1.82 -3.98
CA PRO E 236 -38.46 -0.93 -5.07
C PRO E 236 -38.45 0.55 -4.67
N LEU E 237 -38.11 1.44 -5.59
CA LEU E 237 -38.13 2.88 -5.31
C LEU E 237 -39.53 3.42 -5.52
N THR E 238 -40.15 3.96 -4.49
CA THR E 238 -41.53 4.43 -4.47
C THR E 238 -41.57 5.94 -4.25
N PHE E 239 -42.39 6.62 -5.03
CA PHE E 239 -42.58 8.05 -4.96
C PHE E 239 -43.88 8.36 -4.24
N GLY E 240 -44.08 9.65 -3.95
CA GLY E 240 -45.33 10.12 -3.39
C GLY E 240 -46.33 10.48 -4.47
N ALA E 241 -47.54 10.82 -4.03
CA ALA E 241 -48.59 11.24 -4.97
C ALA E 241 -48.27 12.60 -5.57
N GLY E 242 -47.66 13.48 -4.80
CA GLY E 242 -47.30 14.80 -5.28
C GLY E 242 -48.07 15.88 -4.57
N THR E 243 -47.46 17.06 -4.45
CA THR E 243 -48.07 18.22 -3.82
C THR E 243 -47.94 19.40 -4.78
N LYS E 244 -49.03 19.73 -5.47
CA LYS E 244 -49.01 20.81 -6.44
C LYS E 244 -49.13 22.16 -5.77
N LEU E 245 -48.34 23.13 -6.24
CA LEU E 245 -48.40 24.50 -5.76
C LEU E 245 -48.92 25.37 -6.89
N GLU E 246 -49.80 26.31 -6.57
CA GLU E 246 -50.42 27.19 -7.55
C GLU E 246 -50.42 28.62 -7.04
N LEU E 247 -50.52 29.55 -7.98
CA LEU E 247 -50.59 30.97 -7.65
C LEU E 247 -51.99 31.35 -7.18
N LYS E 248 -52.16 32.61 -6.80
CA LYS E 248 -53.44 33.10 -6.34
C LYS E 248 -53.94 34.25 -7.23
#